data_1U6K
#
_entry.id   1U6K
#
_cell.length_a   120.100
_cell.length_b   151.200
_cell.length_c   110.000
_cell.angle_alpha   90.00
_cell.angle_beta   90.00
_cell.angle_gamma   90.00
#
_symmetry.space_group_name_H-M   'C 2 2 21'
#
loop_
_entity.id
_entity.type
_entity.pdbx_description
1 polymer 'F420-dependent methylenetetrahydromethanopterin dehydrogenase'
2 non-polymer 'MAGNESIUM ION'
3 water water
#
_entity_poly.entity_id   1
_entity_poly.type   'polypeptide(L)'
_entity_poly.pdbx_seq_one_letter_code
;(MSE)TVAKAIFIKCGNLGTS(MSE)(MSE)(MSE)D(MSE)LLDERADREDVEFRVVGTSVK(MSE)DPECVEAAVE
(MSE)ALDIAEDFEPDFIVYGGPNPAAPGPSKARE(MSE)LADSEYPAVIIGDAPGLKVKDE(MSE)EEQGLGYILVKPD
A(MSE)LGARREFLDPVE(MSE)AIYNADL(MSE)KVLAATGVFRVVQEAFDELIEKAKEDEISENDLPKLVIDRNTLLE
REEFENPYA(MSE)VKA(MSE)AALEIAENVADVSVEGCFVEQDKERYVPIVASAHE(MSE)(MSE)RKAAELADEAREL
EKSNDAVLRTPHAPDGKVLSKRKF(MSE)EDPE
;
_entity_poly.pdbx_strand_id   A,B,C
#
# COMPACT_ATOMS: atom_id res chain seq x y z
N THR A 2 -34.31 -12.89 -28.71
CA THR A 2 -33.38 -13.15 -29.84
C THR A 2 -31.96 -13.37 -29.30
N VAL A 3 -31.31 -14.40 -29.81
CA VAL A 3 -29.97 -14.82 -29.41
C VAL A 3 -28.93 -14.49 -30.47
N ALA A 4 -27.91 -13.72 -30.10
CA ALA A 4 -26.83 -13.35 -30.99
C ALA A 4 -25.82 -14.52 -30.99
N LYS A 5 -25.26 -14.80 -32.16
CA LYS A 5 -24.30 -15.89 -32.30
C LYS A 5 -23.00 -15.38 -32.89
N ALA A 6 -21.88 -15.89 -32.39
CA ALA A 6 -20.59 -15.48 -32.94
C ALA A 6 -19.57 -16.61 -32.81
N ILE A 7 -18.59 -16.62 -33.69
CA ILE A 7 -17.51 -17.60 -33.61
C ILE A 7 -16.25 -16.79 -33.36
N PHE A 8 -15.41 -17.28 -32.45
CA PHE A 8 -14.14 -16.62 -32.14
C PHE A 8 -13.04 -17.55 -32.62
N ILE A 9 -12.04 -17.02 -33.32
CA ILE A 9 -10.92 -17.83 -33.81
C ILE A 9 -9.67 -17.35 -33.10
N LYS A 10 -8.91 -18.28 -32.49
CA LYS A 10 -7.73 -17.90 -31.72
C LYS A 10 -6.50 -18.62 -32.24
N CYS A 11 -5.56 -17.86 -32.80
CA CYS A 11 -4.29 -18.39 -33.32
C CYS A 11 -3.17 -17.53 -32.74
N GLY A 12 -2.21 -18.16 -32.05
CA GLY A 12 -1.17 -17.38 -31.41
C GLY A 12 -1.77 -16.89 -30.11
N ASN A 13 -1.04 -16.14 -29.30
CA ASN A 13 -1.68 -15.68 -28.07
C ASN A 13 -1.42 -14.22 -27.77
N LEU A 14 -2.49 -13.54 -27.40
CA LEU A 14 -2.46 -12.15 -27.01
C LEU A 14 -3.31 -12.14 -25.75
N GLY A 15 -3.01 -11.23 -24.82
CA GLY A 15 -3.83 -11.16 -23.65
C GLY A 15 -5.28 -10.90 -23.98
N THR A 16 -5.55 -10.04 -24.96
CA THR A 16 -6.95 -9.74 -25.26
C THR A 16 -7.65 -10.91 -25.93
N SER A 17 -6.93 -11.69 -26.73
CA SER A 17 -7.60 -12.81 -27.39
C SER A 17 -7.91 -13.93 -26.39
N ASP A 21 -13.83 -13.55 -25.53
CA ASP A 21 -15.17 -14.11 -25.48
C ASP A 21 -15.73 -14.16 -24.05
N LEU A 23 -15.27 -12.15 -21.60
CA LEU A 23 -15.66 -10.83 -21.10
C LEU A 23 -17.13 -10.54 -21.44
N LEU A 24 -17.69 -11.32 -22.36
CA LEU A 24 -19.08 -11.08 -22.78
C LEU A 24 -20.14 -11.92 -22.00
N ASP A 25 -19.72 -12.88 -21.19
CA ASP A 25 -20.73 -13.70 -20.46
C ASP A 25 -19.99 -14.24 -19.24
N GLU A 26 -19.61 -13.30 -18.37
CA GLU A 26 -18.75 -13.62 -17.26
C GLU A 26 -19.18 -14.69 -16.28
N ARG A 27 -20.48 -14.91 -16.17
CA ARG A 27 -20.98 -15.94 -15.26
C ARG A 27 -21.75 -17.03 -16.04
N ALA A 28 -21.66 -17.01 -17.37
CA ALA A 28 -22.30 -17.97 -18.25
C ALA A 28 -23.82 -18.02 -18.11
N ASP A 29 -24.40 -16.95 -17.58
CA ASP A 29 -25.85 -16.91 -17.41
C ASP A 29 -26.57 -16.01 -18.40
N ARG A 30 -25.89 -15.57 -19.46
CA ARG A 30 -26.58 -14.74 -20.44
C ARG A 30 -27.42 -15.63 -21.34
N GLU A 31 -28.69 -15.27 -21.45
CA GLU A 31 -29.60 -16.05 -22.28
C GLU A 31 -29.67 -15.54 -23.72
N ASP A 32 -28.99 -14.42 -24.00
CA ASP A 32 -29.05 -13.85 -25.35
C ASP A 32 -27.86 -14.03 -26.28
N VAL A 33 -26.90 -14.88 -25.91
CA VAL A 33 -25.75 -15.12 -26.76
C VAL A 33 -25.39 -16.60 -26.80
N GLU A 34 -24.70 -17.00 -27.84
CA GLU A 34 -24.21 -18.37 -28.01
C GLU A 34 -22.94 -18.21 -28.83
N PHE A 35 -21.85 -18.78 -28.34
CA PHE A 35 -20.57 -18.68 -29.04
C PHE A 35 -19.92 -20.03 -29.29
N ARG A 36 -19.09 -20.06 -30.31
CA ARG A 36 -18.25 -21.20 -30.61
C ARG A 36 -16.84 -20.62 -30.68
N VAL A 37 -15.86 -21.33 -30.15
CA VAL A 37 -14.47 -20.88 -30.15
C VAL A 37 -13.62 -21.95 -30.80
N VAL A 38 -12.73 -21.59 -31.73
CA VAL A 38 -11.91 -22.60 -32.40
C VAL A 38 -10.54 -22.03 -32.66
N GLY A 39 -9.51 -22.87 -32.80
CA GLY A 39 -8.20 -22.32 -33.04
C GLY A 39 -7.17 -23.41 -33.12
N THR A 40 -5.93 -22.98 -33.32
CA THR A 40 -4.79 -23.90 -33.44
C THR A 40 -3.78 -23.64 -32.33
N SER A 41 -4.27 -23.21 -31.16
CA SER A 41 -3.43 -22.91 -30.03
C SER A 41 -2.41 -21.82 -30.38
N VAL A 42 -1.15 -21.94 -29.96
CA VAL A 42 -0.16 -20.90 -30.20
C VAL A 42 0.36 -20.79 -31.65
N LYS A 43 0.09 -21.79 -32.47
CA LYS A 43 0.60 -21.73 -33.83
C LYS A 43 -0.21 -20.77 -34.67
N ASP A 45 1.15 -19.78 -38.07
CA ASP A 45 1.74 -19.73 -39.41
C ASP A 45 0.57 -19.83 -40.41
N PRO A 46 0.83 -19.52 -41.69
CA PRO A 46 -0.26 -19.59 -42.66
C PRO A 46 -1.03 -20.92 -42.75
N GLU A 47 -0.32 -22.04 -42.67
CA GLU A 47 -0.98 -23.33 -42.77
C GLU A 47 -1.97 -23.54 -41.62
N CYS A 48 -1.51 -23.26 -40.41
CA CYS A 48 -2.33 -23.43 -39.23
C CYS A 48 -3.49 -22.44 -39.23
N VAL A 49 -3.23 -21.18 -39.59
CA VAL A 49 -4.33 -20.20 -39.59
C VAL A 49 -5.39 -20.56 -40.61
N GLU A 50 -4.96 -21.02 -41.79
CA GLU A 50 -5.94 -21.42 -42.80
C GLU A 50 -6.81 -22.55 -42.24
N ALA A 51 -6.18 -23.51 -41.54
CA ALA A 51 -6.93 -24.60 -40.94
C ALA A 51 -7.93 -24.10 -39.90
N ALA A 52 -7.52 -23.13 -39.08
CA ALA A 52 -8.39 -22.56 -38.07
C ALA A 52 -9.59 -21.85 -38.71
N VAL A 53 -9.32 -21.03 -39.72
CA VAL A 53 -10.41 -20.33 -40.37
C VAL A 53 -11.35 -21.30 -41.12
N GLU A 54 -10.78 -22.34 -41.73
CA GLU A 54 -11.60 -23.35 -42.43
C GLU A 54 -12.54 -24.01 -41.41
N ALA A 56 -13.70 -22.69 -38.70
CA ALA A 56 -14.72 -21.72 -38.37
C ALA A 56 -15.79 -21.61 -39.45
N LEU A 57 -15.36 -21.52 -40.70
CA LEU A 57 -16.33 -21.37 -41.79
C LEU A 57 -17.15 -22.62 -42.04
N ASP A 58 -16.59 -23.79 -41.69
CA ASP A 58 -17.31 -25.04 -41.82
C ASP A 58 -18.41 -25.04 -40.76
N ILE A 59 -18.05 -24.65 -39.54
CA ILE A 59 -19.01 -24.59 -38.44
C ILE A 59 -20.09 -23.55 -38.74
N ALA A 60 -19.68 -22.44 -39.34
CA ALA A 60 -20.59 -21.33 -39.65
C ALA A 60 -21.79 -21.72 -40.52
N GLU A 61 -21.63 -22.70 -41.39
CA GLU A 61 -22.74 -23.12 -42.26
C GLU A 61 -23.99 -23.52 -41.47
N ASP A 62 -23.81 -24.30 -40.42
CA ASP A 62 -24.94 -24.72 -39.61
C ASP A 62 -25.19 -23.80 -38.42
N PHE A 63 -24.13 -23.18 -37.93
CA PHE A 63 -24.27 -22.31 -36.76
C PHE A 63 -24.85 -20.94 -37.11
N GLU A 64 -24.58 -20.47 -38.31
CA GLU A 64 -25.09 -19.17 -38.79
C GLU A 64 -24.75 -18.00 -37.85
N PRO A 65 -23.46 -17.75 -37.64
CA PRO A 65 -23.05 -16.64 -36.76
C PRO A 65 -23.41 -15.28 -37.33
N ASP A 66 -23.67 -14.32 -36.43
CA ASP A 66 -23.95 -12.95 -36.83
C ASP A 66 -22.62 -12.25 -37.13
N PHE A 67 -21.55 -12.67 -36.46
CA PHE A 67 -20.24 -12.10 -36.75
C PHE A 67 -19.18 -13.10 -36.31
N ILE A 68 -17.97 -12.93 -36.85
CA ILE A 68 -16.81 -13.78 -36.54
C ILE A 68 -15.67 -12.88 -36.08
N VAL A 69 -14.92 -13.32 -35.07
CA VAL A 69 -13.82 -12.55 -34.53
C VAL A 69 -12.56 -13.37 -34.66
N TYR A 70 -11.50 -12.79 -35.18
CA TYR A 70 -10.20 -13.47 -35.24
C TYR A 70 -9.29 -12.69 -34.31
N GLY A 71 -8.67 -13.36 -33.35
CA GLY A 71 -7.78 -12.67 -32.42
C GLY A 71 -6.42 -13.37 -32.32
N GLY A 72 -5.36 -12.58 -32.28
CA GLY A 72 -4.03 -13.13 -32.15
C GLY A 72 -3.02 -12.05 -32.49
N PRO A 73 -1.73 -12.31 -32.23
CA PRO A 73 -0.72 -11.31 -32.53
C PRO A 73 -0.58 -10.95 -34.00
N ASN A 74 -0.09 -9.73 -34.19
CA ASN A 74 0.27 -9.17 -35.50
C ASN A 74 -0.56 -9.43 -36.75
N PRO A 75 -1.64 -8.68 -36.93
CA PRO A 75 -2.50 -8.83 -38.10
C PRO A 75 -1.74 -8.70 -39.43
N ALA A 76 -0.52 -8.14 -39.39
CA ALA A 76 0.25 -7.96 -40.62
C ALA A 76 1.15 -9.14 -40.99
N ALA A 77 1.30 -10.09 -40.07
CA ALA A 77 2.13 -11.28 -40.31
C ALA A 77 1.47 -12.21 -41.34
N PRO A 78 2.24 -13.13 -41.94
CA PRO A 78 1.70 -14.04 -42.96
C PRO A 78 0.46 -14.85 -42.57
N GLY A 79 0.49 -15.49 -41.39
CA GLY A 79 -0.67 -16.26 -40.96
C GLY A 79 -1.92 -15.40 -40.84
N PRO A 80 -1.88 -14.39 -39.94
CA PRO A 80 -3.03 -13.50 -39.75
C PRO A 80 -3.50 -12.86 -41.05
N SER A 81 -2.57 -12.57 -41.96
CA SER A 81 -2.96 -11.95 -43.23
C SER A 81 -3.84 -12.90 -44.04
N LYS A 82 -3.54 -14.20 -43.94
CA LYS A 82 -4.34 -15.21 -44.59
C LYS A 82 -5.75 -15.24 -43.98
N ALA A 83 -5.85 -15.15 -42.65
CA ALA A 83 -7.16 -15.12 -42.03
C ALA A 83 -7.93 -13.89 -42.51
N ARG A 84 -7.25 -12.75 -42.61
CA ARG A 84 -7.91 -11.54 -43.07
C ARG A 84 -8.46 -11.73 -44.47
N GLU A 85 -7.66 -12.30 -45.37
CA GLU A 85 -8.14 -12.55 -46.73
C GLU A 85 -9.38 -13.43 -46.74
N LEU A 87 -11.55 -14.15 -44.27
CA LEU A 87 -12.72 -13.55 -43.64
C LEU A 87 -13.28 -12.43 -44.49
N ALA A 88 -12.41 -11.69 -45.15
CA ALA A 88 -12.84 -10.58 -46.01
C ALA A 88 -13.63 -11.14 -47.19
N ASP A 89 -13.28 -12.36 -47.61
CA ASP A 89 -13.92 -13.05 -48.76
C ASP A 89 -15.23 -13.73 -48.39
N SER A 90 -15.56 -13.77 -47.11
CA SER A 90 -16.79 -14.43 -46.68
C SER A 90 -17.92 -13.42 -46.52
N GLU A 91 -19.12 -13.96 -46.30
CA GLU A 91 -20.34 -13.16 -46.10
C GLU A 91 -20.51 -12.72 -44.64
N TYR A 92 -19.65 -13.23 -43.75
CA TYR A 92 -19.80 -12.93 -42.34
C TYR A 92 -19.06 -11.70 -41.83
N PRO A 93 -19.77 -10.72 -41.22
CA PRO A 93 -19.13 -9.51 -40.67
C PRO A 93 -18.04 -10.01 -39.74
N ALA A 94 -16.85 -9.43 -39.83
CA ALA A 94 -15.72 -9.90 -39.01
C ALA A 94 -14.91 -8.78 -38.39
N VAL A 95 -14.28 -9.09 -37.26
CA VAL A 95 -13.47 -8.15 -36.50
C VAL A 95 -12.15 -8.81 -36.19
N ILE A 96 -11.07 -8.07 -36.34
CA ILE A 96 -9.73 -8.55 -36.04
C ILE A 96 -9.27 -7.94 -34.72
N ILE A 97 -8.86 -8.78 -33.78
CA ILE A 97 -8.29 -8.29 -32.51
C ILE A 97 -6.81 -8.51 -32.66
N GLY A 98 -6.03 -7.45 -32.45
CA GLY A 98 -4.59 -7.52 -32.58
C GLY A 98 -3.84 -6.57 -31.67
N ASP A 99 -2.54 -6.45 -31.91
CA ASP A 99 -1.64 -5.60 -31.14
C ASP A 99 -1.12 -4.46 -32.02
N ALA A 100 -0.15 -3.71 -31.51
CA ALA A 100 0.34 -2.52 -32.25
C ALA A 100 0.84 -2.78 -33.67
N PRO A 101 1.50 -3.91 -33.91
CA PRO A 101 1.99 -4.20 -35.27
C PRO A 101 0.86 -4.22 -36.32
N GLY A 102 -0.38 -4.43 -35.89
CA GLY A 102 -1.50 -4.40 -36.80
C GLY A 102 -1.74 -3.02 -37.40
N LEU A 103 -1.20 -1.95 -36.79
CA LEU A 103 -1.40 -0.59 -37.33
C LEU A 103 -0.94 -0.50 -38.77
N LYS A 104 0.07 -1.29 -39.10
CA LYS A 104 0.61 -1.34 -40.46
C LYS A 104 -0.42 -1.73 -41.52
N VAL A 105 -1.44 -2.50 -41.14
CA VAL A 105 -2.44 -2.93 -42.12
C VAL A 105 -3.85 -2.39 -41.85
N LYS A 106 -3.92 -1.28 -41.14
CA LYS A 106 -5.18 -0.65 -40.84
C LYS A 106 -5.91 -0.32 -42.16
N ASP A 107 -5.19 0.28 -43.11
CA ASP A 107 -5.84 0.64 -44.36
C ASP A 107 -6.32 -0.61 -45.11
N GLU A 108 -5.49 -1.66 -45.11
CA GLU A 108 -5.87 -2.91 -45.77
C GLU A 108 -7.15 -3.45 -45.15
N GLU A 110 -9.55 -1.88 -43.57
CA GLU A 110 -10.73 -1.08 -43.88
C GLU A 110 -11.18 -1.39 -45.31
N GLU A 111 -10.23 -1.57 -46.21
CA GLU A 111 -10.56 -1.92 -47.59
C GLU A 111 -11.19 -3.32 -47.65
N GLN A 112 -10.79 -4.19 -46.73
CA GLN A 112 -11.30 -5.56 -46.66
C GLN A 112 -12.65 -5.61 -45.99
N GLY A 113 -13.12 -4.46 -45.51
CA GLY A 113 -14.43 -4.41 -44.88
C GLY A 113 -14.42 -5.04 -43.51
N LEU A 114 -13.25 -5.08 -42.90
CA LEU A 114 -13.10 -5.69 -41.57
C LEU A 114 -13.03 -4.69 -40.45
N GLY A 115 -13.64 -5.02 -39.29
CA GLY A 115 -13.50 -4.17 -38.13
C GLY A 115 -12.19 -4.58 -37.43
N TYR A 116 -11.75 -3.77 -36.48
CA TYR A 116 -10.52 -4.11 -35.74
C TYR A 116 -10.46 -3.45 -34.38
N ILE A 117 -9.78 -4.12 -33.44
CA ILE A 117 -9.53 -3.52 -32.15
C ILE A 117 -8.06 -3.85 -31.96
N LEU A 118 -7.22 -2.82 -32.01
CA LEU A 118 -5.78 -3.01 -31.86
C LEU A 118 -5.39 -2.53 -30.47
N VAL A 119 -4.85 -3.42 -29.64
CA VAL A 119 -4.50 -3.07 -28.28
C VAL A 119 -3.00 -2.89 -28.17
N LYS A 120 -2.55 -1.63 -28.16
CA LYS A 120 -1.11 -1.38 -28.12
C LYS A 120 -0.41 -1.91 -26.86
N PRO A 121 -1.08 -1.85 -25.69
CA PRO A 121 -0.36 -2.39 -24.53
C PRO A 121 -0.30 -3.93 -24.44
N ASP A 122 -0.93 -4.64 -25.40
CA ASP A 122 -0.92 -6.12 -25.40
C ASP A 122 0.39 -6.51 -26.05
N ALA A 123 1.44 -6.39 -25.27
CA ALA A 123 2.81 -6.56 -25.76
C ALA A 123 3.36 -7.95 -25.95
N LEU A 125 5.73 -11.02 -25.69
CA LEU A 125 6.59 -11.40 -24.60
C LEU A 125 8.04 -11.69 -25.03
N GLY A 126 8.91 -11.95 -24.05
CA GLY A 126 10.35 -12.18 -24.33
C GLY A 126 10.60 -13.61 -24.76
N ALA A 127 10.16 -13.91 -25.98
CA ALA A 127 10.19 -15.25 -26.52
C ALA A 127 11.50 -15.84 -27.02
N ARG A 128 12.49 -15.90 -26.13
CA ARG A 128 13.75 -16.56 -26.43
C ARG A 128 13.77 -17.84 -25.62
N ARG A 129 14.16 -18.95 -26.23
CA ARG A 129 14.21 -20.24 -25.54
C ARG A 129 14.99 -20.28 -24.21
N GLU A 130 16.05 -19.49 -24.10
CA GLU A 130 16.86 -19.46 -22.89
C GLU A 130 16.15 -18.84 -21.68
N PHE A 131 15.03 -18.20 -21.93
CA PHE A 131 14.31 -17.47 -20.86
C PHE A 131 12.86 -17.87 -20.77
N LEU A 132 12.21 -17.94 -21.91
CA LEU A 132 10.77 -18.25 -21.88
C LEU A 132 10.38 -19.72 -21.90
N ASP A 133 10.06 -20.29 -20.74
CA ASP A 133 9.56 -21.67 -20.69
C ASP A 133 8.05 -21.53 -20.39
N PRO A 134 7.30 -22.64 -20.32
CA PRO A 134 5.85 -22.56 -20.06
C PRO A 134 5.47 -21.75 -18.81
N VAL A 135 6.17 -21.98 -17.70
CA VAL A 135 5.87 -21.24 -16.48
C VAL A 135 6.08 -19.74 -16.65
N GLU A 136 7.21 -19.31 -17.24
CA GLU A 136 7.46 -17.89 -17.42
C GLU A 136 6.40 -17.27 -18.35
N ALA A 138 3.33 -18.19 -18.63
CA ALA A 138 2.07 -18.04 -17.84
C ALA A 138 2.18 -16.88 -16.85
N ILE A 139 3.34 -16.69 -16.22
CA ILE A 139 3.53 -15.57 -15.28
C ILE A 139 3.38 -14.25 -16.02
N TYR A 140 3.99 -14.14 -17.20
CA TYR A 140 3.85 -12.91 -17.97
C TYR A 140 2.39 -12.65 -18.34
N ASN A 141 1.72 -13.69 -18.84
CA ASN A 141 0.32 -13.51 -19.19
C ASN A 141 -0.52 -13.13 -17.98
N ALA A 142 -0.18 -13.64 -16.80
CA ALA A 142 -0.93 -13.24 -15.58
C ALA A 142 -0.75 -11.74 -15.34
N ASP A 143 0.48 -11.23 -15.49
CA ASP A 143 0.71 -9.82 -15.28
C ASP A 143 0.01 -8.98 -16.35
N LEU A 144 0.10 -9.40 -17.61
CA LEU A 144 -0.56 -8.67 -18.69
C LEU A 144 -2.08 -8.66 -18.48
N LYS A 146 -3.71 -8.83 -15.68
CA LYS A 146 -4.02 -7.91 -14.58
C LYS A 146 -3.98 -6.46 -15.12
N VAL A 147 -2.96 -6.14 -15.92
CA VAL A 147 -2.89 -4.80 -16.48
C VAL A 147 -4.10 -4.48 -17.34
N LEU A 148 -4.42 -5.35 -18.29
CA LEU A 148 -5.54 -5.07 -19.20
C LEU A 148 -6.88 -5.00 -18.48
N ALA A 149 -7.03 -5.76 -17.41
CA ALA A 149 -8.30 -5.76 -16.67
C ALA A 149 -8.39 -4.56 -15.74
N ALA A 150 -7.45 -4.41 -14.82
CA ALA A 150 -7.52 -3.34 -13.84
C ALA A 150 -7.38 -1.92 -14.37
N THR A 151 -6.79 -1.75 -15.55
CA THR A 151 -6.69 -0.40 -16.12
C THR A 151 -8.00 -0.03 -16.84
N GLY A 152 -8.84 -1.04 -17.07
CA GLY A 152 -10.09 -0.77 -17.77
C GLY A 152 -10.07 -1.06 -19.26
N VAL A 153 -8.92 -1.52 -19.79
CA VAL A 153 -8.87 -1.82 -21.21
C VAL A 153 -9.90 -2.90 -21.61
N PHE A 154 -10.07 -3.93 -20.76
CA PHE A 154 -11.03 -4.98 -21.10
C PHE A 154 -12.46 -4.44 -21.10
N ARG A 155 -12.73 -3.37 -20.34
CA ARG A 155 -14.09 -2.83 -20.35
C ARG A 155 -14.35 -2.17 -21.70
N VAL A 156 -13.32 -1.59 -22.31
CA VAL A 156 -13.49 -0.97 -23.63
C VAL A 156 -13.88 -2.08 -24.65
N VAL A 157 -13.17 -3.22 -24.55
CA VAL A 157 -13.45 -4.34 -25.46
C VAL A 157 -14.84 -4.89 -25.22
N GLN A 158 -15.22 -5.04 -23.94
CA GLN A 158 -16.53 -5.54 -23.56
C GLN A 158 -17.58 -4.62 -24.20
N GLU A 159 -17.40 -3.31 -24.06
CA GLU A 159 -18.40 -2.38 -24.60
C GLU A 159 -18.54 -2.48 -26.09
N ALA A 160 -17.42 -2.55 -26.78
CA ALA A 160 -17.46 -2.63 -28.24
C ALA A 160 -18.22 -3.87 -28.72
N PHE A 161 -17.97 -5.01 -28.06
CA PHE A 161 -18.66 -6.22 -28.47
C PHE A 161 -20.10 -6.25 -28.02
N ASP A 162 -20.40 -5.65 -26.86
CA ASP A 162 -21.79 -5.63 -26.41
C ASP A 162 -22.64 -4.81 -27.41
N GLU A 163 -22.07 -3.72 -27.94
CA GLU A 163 -22.77 -2.89 -28.94
C GLU A 163 -23.02 -3.71 -30.21
N LEU A 164 -22.02 -4.46 -30.67
CA LEU A 164 -22.15 -5.29 -31.86
C LEU A 164 -23.20 -6.40 -31.64
N ILE A 165 -23.24 -6.96 -30.43
CA ILE A 165 -24.21 -8.00 -30.10
C ILE A 165 -25.62 -7.42 -30.18
N GLU A 166 -25.81 -6.17 -29.75
CA GLU A 166 -27.17 -5.62 -29.84
C GLU A 166 -27.60 -5.51 -31.30
N LYS A 167 -26.68 -5.11 -32.18
CA LYS A 167 -26.98 -5.02 -33.61
C LYS A 167 -27.16 -6.40 -34.27
N ALA A 168 -26.40 -7.38 -33.81
CA ALA A 168 -26.48 -8.75 -34.33
C ALA A 168 -27.90 -9.28 -34.10
N LYS A 169 -28.50 -8.90 -32.97
CA LYS A 169 -29.84 -9.38 -32.64
C LYS A 169 -30.88 -8.93 -33.63
N GLU A 170 -30.63 -7.80 -34.27
CA GLU A 170 -31.53 -7.24 -35.27
C GLU A 170 -31.04 -7.58 -36.69
N ASP A 171 -30.00 -8.41 -36.81
CA ASP A 171 -29.41 -8.77 -38.10
C ASP A 171 -29.11 -7.47 -38.87
N GLU A 172 -28.63 -6.48 -38.14
CA GLU A 172 -28.30 -5.19 -38.75
C GLU A 172 -26.84 -4.80 -38.52
N ILE A 173 -25.91 -5.69 -38.86
CA ILE A 173 -24.50 -5.36 -38.70
C ILE A 173 -23.89 -4.99 -40.05
N SER A 174 -23.71 -3.68 -40.28
CA SER A 174 -23.10 -3.20 -41.51
C SER A 174 -21.61 -3.03 -41.30
N GLU A 175 -20.89 -2.85 -42.39
CA GLU A 175 -19.45 -2.62 -42.26
C GLU A 175 -19.19 -1.38 -41.43
N ASN A 176 -20.03 -0.37 -41.54
CA ASN A 176 -19.85 0.83 -40.74
C ASN A 176 -20.13 0.66 -39.25
N ASP A 177 -20.74 -0.46 -38.88
CA ASP A 177 -20.99 -0.76 -37.48
C ASP A 177 -19.80 -1.46 -36.87
N LEU A 178 -18.88 -1.95 -37.70
CA LEU A 178 -17.75 -2.70 -37.16
C LEU A 178 -16.76 -1.74 -36.52
N PRO A 179 -16.20 -2.12 -35.36
CA PRO A 179 -15.26 -1.22 -34.72
C PRO A 179 -13.98 -0.94 -35.47
N LYS A 180 -13.41 0.23 -35.23
CA LYS A 180 -12.13 0.65 -35.77
C LYS A 180 -11.50 1.34 -34.54
N LEU A 181 -10.98 0.52 -33.63
CA LEU A 181 -10.41 1.04 -32.39
C LEU A 181 -8.96 0.76 -32.19
N VAL A 182 -8.24 1.76 -31.68
CA VAL A 182 -6.83 1.59 -31.36
C VAL A 182 -6.73 2.06 -29.92
N ILE A 183 -6.40 1.11 -29.06
CA ILE A 183 -6.34 1.37 -27.63
C ILE A 183 -4.93 1.55 -27.09
N ASP A 184 -4.78 2.57 -26.29
CA ASP A 184 -3.52 2.83 -25.62
C ASP A 184 -3.71 3.66 -24.37
N ARG A 185 -2.59 4.08 -23.77
CA ARG A 185 -2.61 4.87 -22.56
C ARG A 185 -3.61 6.03 -22.61
N ASN A 186 -3.63 6.78 -23.71
CA ASN A 186 -4.53 7.91 -23.78
C ASN A 186 -6.00 7.59 -23.88
N THR A 187 -6.34 6.37 -24.27
CA THR A 187 -7.73 5.96 -24.33
C THR A 187 -8.37 6.18 -22.96
N LEU A 188 -7.57 6.02 -21.92
CA LEU A 188 -8.13 6.11 -20.58
C LEU A 188 -8.62 7.51 -20.18
N LEU A 189 -8.08 8.52 -20.84
CA LEU A 189 -8.42 9.92 -20.54
C LEU A 189 -9.90 10.22 -20.68
N GLU A 190 -10.58 9.51 -21.59
CA GLU A 190 -12.01 9.76 -21.77
C GLU A 190 -12.97 8.67 -21.30
N ARG A 191 -12.47 7.75 -20.49
CA ARG A 191 -13.31 6.69 -19.99
C ARG A 191 -13.86 7.21 -18.65
N GLU A 192 -15.00 6.69 -18.21
CA GLU A 192 -15.48 7.17 -16.91
C GLU A 192 -15.08 6.10 -15.90
N GLU A 193 -13.99 5.42 -16.20
CA GLU A 193 -13.56 4.31 -15.37
C GLU A 193 -13.28 4.59 -13.88
N PHE A 194 -12.38 5.54 -13.63
CA PHE A 194 -11.94 5.83 -12.28
C PHE A 194 -12.51 7.04 -11.58
N GLU A 195 -12.97 6.84 -10.36
CA GLU A 195 -13.46 7.98 -9.59
C GLU A 195 -12.26 8.78 -9.06
N ASN A 196 -11.20 8.09 -8.63
CA ASN A 196 -10.01 8.77 -8.10
C ASN A 196 -9.06 9.11 -9.26
N PRO A 197 -8.64 10.38 -9.36
CA PRO A 197 -7.75 10.71 -10.47
C PRO A 197 -6.37 10.07 -10.45
N TYR A 198 -5.82 9.81 -9.26
CA TYR A 198 -4.49 9.15 -9.19
C TYR A 198 -4.65 7.70 -9.65
N ALA A 199 -5.83 7.09 -9.46
CA ALA A 199 -5.99 5.73 -10.00
C ALA A 199 -5.89 5.78 -11.53
N VAL A 201 -4.30 7.97 -13.34
CA VAL A 201 -2.93 8.28 -13.71
C VAL A 201 -2.00 7.06 -13.53
N LYS A 202 -2.22 6.30 -12.47
CA LYS A 202 -1.42 5.08 -12.29
C LYS A 202 -1.75 4.07 -13.39
N ALA A 203 -3.03 3.95 -13.75
CA ALA A 203 -3.45 3.04 -14.83
C ALA A 203 -2.82 3.45 -16.17
N ALA A 205 0.06 5.11 -16.47
CA ALA A 205 1.46 4.72 -16.36
C ALA A 205 1.59 3.21 -16.64
N ALA A 206 0.69 2.39 -16.11
CA ALA A 206 0.78 0.98 -16.40
C ALA A 206 0.67 0.63 -17.89
N LEU A 207 -0.23 1.29 -18.61
CA LEU A 207 -0.42 1.00 -20.02
C LEU A 207 0.75 1.54 -20.82
N GLU A 208 1.36 2.63 -20.38
CA GLU A 208 2.51 3.15 -21.10
C GLU A 208 3.64 2.16 -20.96
N ILE A 209 3.89 1.66 -19.74
CA ILE A 209 4.96 0.70 -19.55
C ILE A 209 4.70 -0.59 -20.35
N ALA A 210 3.46 -1.08 -20.32
CA ALA A 210 3.10 -2.26 -21.06
C ALA A 210 3.35 -2.05 -22.56
N GLU A 211 2.95 -0.88 -23.10
CA GLU A 211 3.19 -0.66 -24.52
C GLU A 211 4.70 -0.67 -24.79
N ASN A 212 5.49 -0.10 -23.88
CA ASN A 212 6.96 -0.05 -24.06
C ASN A 212 7.65 -1.41 -23.98
N VAL A 213 7.03 -2.38 -23.31
CA VAL A 213 7.59 -3.72 -23.21
C VAL A 213 7.77 -4.33 -24.60
N ALA A 214 6.85 -4.04 -25.51
CA ALA A 214 6.94 -4.64 -26.85
C ALA A 214 8.25 -4.31 -27.55
N ASP A 215 8.68 -3.07 -27.45
CA ASP A 215 9.93 -2.69 -28.12
C ASP A 215 11.11 -3.44 -27.54
N VAL A 216 11.09 -3.71 -26.23
CA VAL A 216 12.19 -4.44 -25.61
C VAL A 216 12.18 -5.90 -26.04
N SER A 217 11.01 -6.53 -26.03
CA SER A 217 10.89 -7.90 -26.48
C SER A 217 11.34 -8.04 -27.95
N VAL A 218 10.93 -7.09 -28.78
CA VAL A 218 11.28 -7.12 -30.21
C VAL A 218 12.80 -6.99 -30.33
N GLU A 219 13.42 -6.10 -29.54
CA GLU A 219 14.88 -5.97 -29.63
C GLU A 219 15.58 -7.28 -29.23
N GLY A 220 15.10 -7.91 -28.15
CA GLY A 220 15.75 -9.12 -27.72
C GLY A 220 15.48 -10.37 -28.56
N CYS A 221 14.34 -10.41 -29.23
CA CYS A 221 13.94 -11.56 -30.05
C CYS A 221 14.35 -11.48 -31.52
N PHE A 222 14.37 -10.26 -32.07
CA PHE A 222 14.66 -10.10 -33.50
C PHE A 222 15.86 -9.29 -33.93
N VAL A 223 16.35 -8.43 -33.05
CA VAL A 223 17.49 -7.60 -33.38
C VAL A 223 18.80 -8.11 -32.81
N GLU A 224 18.89 -8.16 -31.49
CA GLU A 224 20.08 -8.62 -30.78
C GLU A 224 20.32 -10.11 -31.04
N GLN A 225 21.55 -10.47 -31.43
CA GLN A 225 21.88 -11.84 -31.73
C GLN A 225 22.88 -12.48 -30.76
N ASP A 226 23.48 -11.68 -29.90
CA ASP A 226 24.42 -12.19 -28.90
C ASP A 226 23.60 -12.59 -27.66
N LYS A 227 23.57 -13.88 -27.32
CA LYS A 227 22.81 -14.36 -26.14
C LYS A 227 23.17 -13.68 -24.81
N GLU A 228 24.45 -13.34 -24.62
CA GLU A 228 24.86 -12.69 -23.37
C GLU A 228 24.14 -11.35 -23.23
N ARG A 229 23.62 -10.83 -24.33
CA ARG A 229 22.89 -9.59 -24.34
C ARG A 229 21.38 -9.81 -24.47
N TYR A 230 20.93 -10.67 -25.40
CA TYR A 230 19.48 -10.81 -25.55
C TYR A 230 18.77 -11.52 -24.41
N VAL A 231 19.43 -12.39 -23.66
CA VAL A 231 18.71 -13.05 -22.53
C VAL A 231 18.35 -11.96 -21.47
N PRO A 232 19.32 -11.11 -21.05
CA PRO A 232 19.01 -10.06 -20.08
C PRO A 232 17.96 -9.10 -20.66
N ILE A 233 18.07 -8.79 -21.96
CA ILE A 233 17.10 -7.89 -22.54
C ILE A 233 15.67 -8.45 -22.45
N VAL A 234 15.43 -9.69 -22.88
CA VAL A 234 14.04 -10.16 -22.82
C VAL A 234 13.57 -10.29 -21.36
N ALA A 235 14.48 -10.60 -20.45
CA ALA A 235 14.08 -10.74 -19.03
C ALA A 235 13.69 -9.39 -18.49
N SER A 236 14.37 -8.33 -18.95
CA SER A 236 14.05 -6.99 -18.46
C SER A 236 12.62 -6.57 -18.89
N ALA A 237 12.18 -7.05 -20.04
CA ALA A 237 10.84 -6.75 -20.54
C ALA A 237 9.81 -7.35 -19.56
N HIS A 238 10.10 -8.55 -19.07
CA HIS A 238 9.15 -9.20 -18.15
C HIS A 238 9.16 -8.50 -16.79
N GLU A 239 10.31 -8.01 -16.32
CA GLU A 239 10.34 -7.25 -15.07
C GLU A 239 9.49 -5.97 -15.23
N ARG A 242 5.81 -6.90 -14.89
CA ARG A 242 5.43 -7.19 -13.50
C ARG A 242 5.17 -5.87 -12.76
N LYS A 243 5.95 -4.81 -13.02
CA LYS A 243 5.70 -3.52 -12.36
C LYS A 243 4.46 -2.80 -12.91
N ALA A 244 4.17 -3.00 -14.21
CA ALA A 244 2.97 -2.42 -14.77
C ALA A 244 1.77 -3.08 -14.03
N ALA A 245 1.84 -4.39 -13.76
CA ALA A 245 0.68 -5.04 -13.06
C ALA A 245 0.56 -4.45 -11.66
N GLU A 246 1.69 -4.14 -11.01
CA GLU A 246 1.64 -3.56 -9.67
C GLU A 246 0.97 -2.18 -9.71
N LEU A 247 1.25 -1.40 -10.75
CA LEU A 247 0.61 -0.09 -10.86
C LEU A 247 -0.89 -0.26 -11.04
N ALA A 248 -1.27 -1.23 -11.88
CA ALA A 248 -2.70 -1.46 -12.11
C ALA A 248 -3.33 -1.90 -10.79
N ASP A 249 -2.65 -2.75 -10.04
CA ASP A 249 -3.18 -3.19 -8.71
C ASP A 249 -3.33 -1.96 -7.79
N GLU A 250 -2.34 -1.06 -7.78
CA GLU A 250 -2.42 0.13 -6.95
C GLU A 250 -3.62 0.99 -7.32
N ALA A 251 -3.90 1.09 -8.61
CA ALA A 251 -5.03 1.91 -9.06
C ALA A 251 -6.30 1.29 -8.53
N ARG A 252 -6.42 -0.03 -8.64
CA ARG A 252 -7.66 -0.64 -8.17
C ARG A 252 -7.80 -0.47 -6.65
N GLU A 253 -6.71 -0.62 -5.89
CA GLU A 253 -6.81 -0.45 -4.43
C GLU A 253 -7.25 0.99 -4.09
N LEU A 254 -6.86 1.99 -4.88
CA LEU A 254 -7.27 3.38 -4.65
C LEU A 254 -8.79 3.46 -4.84
N GLU A 255 -9.32 2.77 -5.83
CA GLU A 255 -10.77 2.82 -6.03
C GLU A 255 -11.41 2.14 -4.85
N LYS A 256 -10.82 1.05 -4.35
CA LYS A 256 -11.42 0.41 -3.18
C LYS A 256 -11.44 1.37 -1.99
N SER A 257 -10.39 2.16 -1.79
CA SER A 257 -10.35 3.07 -0.65
C SER A 257 -11.48 4.09 -0.70
N ASN A 258 -11.95 4.38 -1.91
CA ASN A 258 -13.05 5.34 -2.06
C ASN A 258 -14.39 4.65 -2.24
N ASP A 259 -14.43 3.33 -2.09
CA ASP A 259 -15.63 2.52 -2.33
C ASP A 259 -16.25 2.97 -3.65
N ALA A 260 -15.42 2.99 -4.69
CA ALA A 260 -15.85 3.46 -5.99
C ALA A 260 -15.45 2.54 -7.13
N VAL A 261 -15.26 1.27 -6.84
CA VAL A 261 -14.87 0.33 -7.90
C VAL A 261 -16.01 0.11 -8.93
N LEU A 262 -15.81 0.55 -10.16
CA LEU A 262 -16.82 0.37 -11.19
C LEU A 262 -17.00 -1.12 -11.52
N ARG A 263 -18.25 -1.57 -11.55
CA ARG A 263 -18.56 -2.93 -11.96
C ARG A 263 -19.70 -2.83 -12.98
N THR A 264 -19.56 -3.52 -14.10
CA THR A 264 -20.55 -3.48 -15.18
C THR A 264 -20.90 -4.90 -15.63
N PRO A 265 -21.63 -5.64 -14.77
CA PRO A 265 -22.03 -7.02 -15.06
C PRO A 265 -23.20 -7.09 -16.02
N HIS A 266 -23.32 -8.24 -16.68
CA HIS A 266 -24.44 -8.49 -17.57
C HIS A 266 -25.63 -9.08 -16.82
N ALA A 267 -26.83 -8.64 -17.18
CA ALA A 267 -28.05 -9.22 -16.61
C ALA A 267 -28.30 -10.47 -17.49
N PRO A 268 -29.23 -11.36 -17.10
CA PRO A 268 -29.51 -12.56 -17.88
C PRO A 268 -29.99 -12.29 -19.31
N ASP A 269 -30.66 -11.15 -19.49
CA ASP A 269 -31.15 -10.77 -20.79
C ASP A 269 -30.10 -10.02 -21.61
N GLY A 270 -28.89 -9.91 -21.05
CA GLY A 270 -27.84 -9.25 -21.78
C GLY A 270 -27.55 -7.80 -21.45
N LYS A 271 -28.50 -7.14 -20.81
CA LYS A 271 -28.31 -5.73 -20.49
C LYS A 271 -27.07 -5.53 -19.60
N VAL A 272 -26.29 -4.52 -19.93
CA VAL A 272 -25.08 -4.20 -19.15
C VAL A 272 -25.53 -3.29 -18.02
N LEU A 273 -25.36 -3.78 -16.79
CA LEU A 273 -25.75 -3.04 -15.61
C LEU A 273 -24.54 -2.25 -15.11
N SER A 274 -24.74 -1.45 -14.07
CA SER A 274 -23.62 -0.68 -13.56
C SER A 274 -23.77 -0.36 -12.08
N LYS A 275 -22.64 -0.31 -11.37
CA LYS A 275 -22.64 0.06 -9.96
C LYS A 275 -21.25 0.55 -9.58
N ARG A 276 -21.16 1.28 -8.47
CA ARG A 276 -19.89 1.79 -7.94
C ARG A 276 -19.70 1.40 -6.47
N LYS A 277 -20.70 1.65 -5.63
CA LYS A 277 -20.56 1.30 -4.23
C LYS A 277 -20.66 -0.21 -4.07
N PHE A 278 -19.86 -0.74 -3.15
CA PHE A 278 -19.79 -2.18 -2.96
C PHE A 278 -21.11 -2.85 -2.64
N GLU A 280 -24.12 -1.60 -3.33
CA GLU A 280 -25.17 -1.12 -4.22
C GLU A 280 -25.51 -2.17 -5.30
N ASP A 281 -26.79 -2.43 -5.55
CA ASP A 281 -27.15 -3.40 -6.57
C ASP A 281 -26.84 -2.82 -7.96
N PRO A 282 -26.33 -3.65 -8.92
CA PRO A 282 -26.04 -3.14 -10.26
C PRO A 282 -27.39 -2.86 -10.95
N GLU A 283 -27.45 -1.76 -11.70
CA GLU A 283 -28.67 -1.35 -12.40
C GLU A 283 -28.42 -0.97 -13.84
N THR B 2 -20.32 -1.69 42.42
CA THR B 2 -19.12 -0.95 42.01
C THR B 2 -17.86 -1.81 42.16
N VAL B 3 -16.89 -1.59 41.27
CA VAL B 3 -15.65 -2.36 41.27
C VAL B 3 -15.88 -3.86 41.19
N ALA B 4 -15.96 -4.38 39.97
CA ALA B 4 -16.16 -5.80 39.75
C ALA B 4 -14.78 -6.46 39.83
N LYS B 5 -14.77 -7.73 40.20
CA LYS B 5 -13.51 -8.47 40.33
C LYS B 5 -13.57 -9.77 39.58
N ALA B 6 -12.42 -10.16 39.01
CA ALA B 6 -12.34 -11.41 38.27
C ALA B 6 -10.94 -11.98 38.35
N ILE B 7 -10.86 -13.29 38.21
CA ILE B 7 -9.58 -13.98 38.21
C ILE B 7 -9.44 -14.63 36.83
N PHE B 8 -8.28 -14.46 36.20
CA PHE B 8 -8.05 -15.07 34.90
C PHE B 8 -7.01 -16.16 35.08
N ILE B 9 -7.28 -17.34 34.53
CA ILE B 9 -6.37 -18.46 34.63
C ILE B 9 -5.86 -18.78 33.21
N LYS B 10 -4.55 -18.81 33.06
CA LYS B 10 -3.93 -19.07 31.76
C LYS B 10 -3.03 -20.30 31.75
N CYS B 11 -3.40 -21.29 30.95
CA CYS B 11 -2.62 -22.51 30.83
C CYS B 11 -2.50 -22.79 29.34
N GLY B 12 -1.27 -22.93 28.87
CA GLY B 12 -1.04 -23.13 27.44
C GLY B 12 -1.20 -21.73 26.88
N ASN B 13 -1.13 -21.56 25.57
CA ASN B 13 -1.27 -20.22 25.04
C ASN B 13 -2.17 -20.13 23.82
N LEU B 14 -2.97 -19.07 23.81
CA LEU B 14 -3.90 -18.76 22.75
C LEU B 14 -3.71 -17.26 22.54
N GLY B 15 -3.84 -16.76 21.31
CA GLY B 15 -3.69 -15.34 21.15
C GLY B 15 -4.71 -14.58 22.00
N THR B 16 -5.91 -15.15 22.09
CA THR B 16 -6.95 -14.48 22.84
C THR B 16 -6.69 -14.50 24.34
N SER B 17 -6.12 -15.59 24.83
CA SER B 17 -5.85 -15.70 26.25
C SER B 17 -4.70 -14.78 26.65
N ASP B 21 -7.37 -10.23 29.43
CA ASP B 21 -7.51 -9.32 30.58
C ASP B 21 -7.11 -7.88 30.28
N LEU B 23 -7.37 -6.30 27.50
CA LEU B 23 -8.32 -5.64 26.63
C LEU B 23 -9.40 -4.93 27.46
N LEU B 24 -9.46 -5.26 28.74
CA LEU B 24 -10.48 -4.66 29.58
C LEU B 24 -9.99 -3.42 30.34
N ASP B 25 -8.68 -3.16 30.35
CA ASP B 25 -8.17 -2.00 31.08
C ASP B 25 -6.88 -1.57 30.41
N GLU B 26 -7.01 -1.19 29.14
CA GLU B 26 -5.89 -0.82 28.29
C GLU B 26 -4.85 0.18 28.80
N ARG B 27 -5.27 1.12 29.65
CA ARG B 27 -4.35 2.12 30.17
C ARG B 27 -4.22 2.03 31.70
N ALA B 28 -4.73 0.94 32.26
CA ALA B 28 -4.69 0.68 33.70
C ALA B 28 -5.28 1.80 34.52
N ASP B 29 -6.33 2.45 34.00
CA ASP B 29 -6.96 3.53 34.74
C ASP B 29 -8.45 3.33 35.03
N ARG B 30 -8.95 2.09 34.92
CA ARG B 30 -10.37 1.84 35.23
C ARG B 30 -10.48 1.67 36.74
N GLU B 31 -11.50 2.27 37.34
CA GLU B 31 -11.66 2.13 38.78
C GLU B 31 -12.84 1.26 39.18
N ASP B 32 -13.46 0.60 38.21
CA ASP B 32 -14.61 -0.26 38.48
C ASP B 32 -14.25 -1.73 38.36
N VAL B 33 -12.96 -2.02 38.16
CA VAL B 33 -12.54 -3.40 38.04
C VAL B 33 -11.23 -3.62 38.75
N GLU B 34 -10.98 -4.87 39.12
CA GLU B 34 -9.75 -5.30 39.77
C GLU B 34 -9.58 -6.74 39.31
N PHE B 35 -8.38 -7.09 38.86
CA PHE B 35 -8.14 -8.43 38.36
C PHE B 35 -6.94 -9.12 38.97
N ARG B 36 -6.96 -10.45 38.91
CA ARG B 36 -5.83 -11.26 39.34
C ARG B 36 -5.62 -12.27 38.20
N VAL B 37 -4.37 -12.53 37.86
CA VAL B 37 -4.07 -13.46 36.79
C VAL B 37 -3.12 -14.53 37.32
N VAL B 38 -3.44 -15.79 37.07
CA VAL B 38 -2.60 -16.89 37.52
C VAL B 38 -2.54 -18.01 36.46
N GLY B 39 -1.47 -18.79 36.48
CA GLY B 39 -1.35 -19.89 35.52
C GLY B 39 -0.06 -20.66 35.62
N THR B 40 0.09 -21.67 34.77
CA THR B 40 1.29 -22.50 34.75
C THR B 40 2.04 -22.33 33.43
N SER B 41 1.94 -21.14 32.87
CA SER B 41 2.60 -20.84 31.60
C SER B 41 2.10 -21.75 30.46
N VAL B 42 2.98 -22.20 29.58
CA VAL B 42 2.58 -23.03 28.45
C VAL B 42 2.05 -24.43 28.79
N LYS B 43 2.39 -24.94 29.98
CA LYS B 43 1.95 -26.28 30.37
C LYS B 43 0.45 -26.34 30.58
N ASP B 45 -1.26 -29.71 30.93
CA ASP B 45 -1.61 -31.10 31.27
C ASP B 45 -2.56 -31.06 32.46
N PRO B 46 -3.29 -32.16 32.71
CA PRO B 46 -4.22 -32.16 33.86
C PRO B 46 -3.58 -31.83 35.22
N GLU B 47 -2.36 -32.32 35.47
CA GLU B 47 -1.68 -32.01 36.72
C GLU B 47 -1.46 -30.50 36.83
N CYS B 48 -0.87 -29.90 35.78
CA CYS B 48 -0.63 -28.46 35.80
C CYS B 48 -1.90 -27.62 35.83
N VAL B 49 -2.95 -28.04 35.12
CA VAL B 49 -4.19 -27.27 35.14
C VAL B 49 -4.88 -27.35 36.50
N GLU B 50 -4.76 -28.49 37.17
CA GLU B 50 -5.38 -28.60 38.49
C GLU B 50 -4.70 -27.60 39.42
N ALA B 51 -3.37 -27.58 39.38
CA ALA B 51 -2.62 -26.65 40.21
C ALA B 51 -3.01 -25.20 39.94
N ALA B 52 -3.27 -24.86 38.67
CA ALA B 52 -3.63 -23.49 38.35
C ALA B 52 -5.01 -23.11 38.89
N VAL B 53 -5.98 -24.00 38.75
CA VAL B 53 -7.32 -23.70 39.25
C VAL B 53 -7.25 -23.68 40.78
N GLU B 54 -6.39 -24.51 41.38
CA GLU B 54 -6.25 -24.52 42.83
C GLU B 54 -5.80 -23.12 43.28
N ALA B 56 -6.22 -20.30 41.73
CA ALA B 56 -7.33 -19.39 41.51
C ALA B 56 -8.37 -19.50 42.64
N LEU B 57 -8.80 -20.73 42.90
CA LEU B 57 -9.80 -20.98 43.93
C LEU B 57 -9.30 -20.60 45.31
N ASP B 58 -7.99 -20.73 45.48
CA ASP B 58 -7.33 -20.39 46.73
C ASP B 58 -7.40 -18.89 47.01
N ILE B 59 -7.03 -18.08 46.00
CA ILE B 59 -7.07 -16.63 46.16
C ILE B 59 -8.49 -16.06 46.11
N ALA B 60 -9.42 -16.81 45.51
CA ALA B 60 -10.81 -16.38 45.39
C ALA B 60 -11.45 -16.23 46.78
N GLU B 61 -10.98 -17.05 47.70
CA GLU B 61 -11.49 -17.05 49.08
C GLU B 61 -11.49 -15.63 49.65
N ASP B 62 -10.38 -14.91 49.51
CA ASP B 62 -10.30 -13.55 50.03
C ASP B 62 -10.58 -12.49 48.97
N PHE B 63 -10.16 -12.78 47.73
CA PHE B 63 -10.36 -11.82 46.66
C PHE B 63 -11.82 -11.66 46.33
N GLU B 64 -12.56 -12.76 46.39
CA GLU B 64 -13.99 -12.76 46.10
C GLU B 64 -14.34 -12.24 44.72
N PRO B 65 -13.99 -13.01 43.66
CA PRO B 65 -14.27 -12.62 42.28
C PRO B 65 -15.73 -12.84 41.89
N ASP B 66 -16.25 -11.95 41.06
CA ASP B 66 -17.62 -12.06 40.60
C ASP B 66 -17.65 -13.18 39.55
N PHE B 67 -16.51 -13.39 38.89
CA PHE B 67 -16.41 -14.47 37.92
C PHE B 67 -14.96 -14.81 37.68
N ILE B 68 -14.75 -16.02 37.20
CA ILE B 68 -13.43 -16.56 36.90
C ILE B 68 -13.36 -16.93 35.42
N VAL B 69 -12.20 -16.72 34.82
CA VAL B 69 -12.02 -17.03 33.41
C VAL B 69 -10.85 -17.99 33.22
N TYR B 70 -11.08 -19.05 32.46
CA TYR B 70 -10.03 -20.01 32.15
C TYR B 70 -9.77 -19.85 30.65
N GLY B 71 -8.53 -19.59 30.26
CA GLY B 71 -8.27 -19.43 28.84
C GLY B 71 -7.07 -20.21 28.40
N GLY B 72 -7.20 -20.88 27.26
CA GLY B 72 -6.11 -21.66 26.72
C GLY B 72 -6.57 -22.53 25.59
N PRO B 73 -5.66 -23.27 24.95
CA PRO B 73 -6.12 -24.12 23.85
C PRO B 73 -6.93 -25.35 24.22
N ASN B 74 -7.70 -25.79 23.22
CA ASN B 74 -8.55 -26.97 23.24
C ASN B 74 -9.25 -27.35 24.54
N PRO B 75 -10.41 -26.74 24.82
CA PRO B 75 -11.12 -27.07 26.05
C PRO B 75 -11.56 -28.55 26.12
N ALA B 76 -11.37 -29.28 25.03
CA ALA B 76 -11.76 -30.69 24.99
C ALA B 76 -10.63 -31.59 25.46
N ALA B 77 -9.43 -31.04 25.59
CA ALA B 77 -8.28 -31.84 26.02
C ALA B 77 -8.42 -32.19 27.51
N PRO B 78 -7.63 -33.16 27.97
CA PRO B 78 -7.60 -33.64 29.36
C PRO B 78 -7.42 -32.52 30.39
N GLY B 79 -6.38 -31.71 30.20
CA GLY B 79 -6.12 -30.61 31.11
C GLY B 79 -7.28 -29.64 31.23
N PRO B 80 -7.68 -28.99 30.12
CA PRO B 80 -8.78 -28.03 30.16
C PRO B 80 -10.12 -28.64 30.64
N SER B 81 -10.34 -29.92 30.37
CA SER B 81 -11.56 -30.58 30.81
C SER B 81 -11.56 -30.62 32.34
N LYS B 82 -10.39 -30.90 32.92
CA LYS B 82 -10.27 -30.92 34.38
C LYS B 82 -10.64 -29.55 34.95
N ALA B 83 -10.27 -28.49 34.25
CA ALA B 83 -10.57 -27.13 34.70
C ALA B 83 -12.06 -26.79 34.60
N ARG B 84 -12.75 -27.30 33.58
CA ARG B 84 -14.17 -27.00 33.43
C ARG B 84 -14.91 -27.71 34.56
N GLU B 85 -14.41 -28.88 34.90
CA GLU B 85 -14.98 -29.71 35.97
C GLU B 85 -14.96 -28.95 37.29
N LEU B 87 -14.36 -25.69 37.86
CA LEU B 87 -15.00 -24.39 37.80
C LEU B 87 -16.52 -24.47 37.78
N ALA B 88 -17.06 -25.50 37.14
CA ALA B 88 -18.50 -25.66 37.07
C ALA B 88 -19.05 -26.02 38.46
N ASP B 89 -18.26 -26.77 39.23
CA ASP B 89 -18.66 -27.19 40.56
C ASP B 89 -18.13 -26.25 41.65
N SER B 90 -17.96 -24.97 41.30
CA SER B 90 -17.50 -23.99 42.26
C SER B 90 -18.62 -22.98 42.46
N GLU B 91 -18.41 -22.02 43.35
CA GLU B 91 -19.43 -21.02 43.65
C GLU B 91 -19.26 -19.75 42.82
N TYR B 92 -18.35 -19.78 41.86
CA TYR B 92 -18.10 -18.61 41.02
C TYR B 92 -18.49 -18.91 39.56
N PRO B 93 -19.23 -17.99 38.93
CA PRO B 93 -19.60 -18.22 37.53
C PRO B 93 -18.30 -18.26 36.73
N ALA B 94 -18.22 -19.09 35.70
CA ALA B 94 -16.97 -19.18 34.94
C ALA B 94 -17.20 -19.11 33.43
N VAL B 95 -16.16 -18.70 32.71
CA VAL B 95 -16.21 -18.58 31.25
C VAL B 95 -14.94 -19.27 30.73
N ILE B 96 -15.09 -20.04 29.67
CA ILE B 96 -13.95 -20.74 29.09
C ILE B 96 -13.59 -20.12 27.74
N ILE B 97 -12.35 -19.64 27.59
CA ILE B 97 -11.92 -19.06 26.31
C ILE B 97 -11.12 -20.16 25.64
N GLY B 98 -11.47 -20.47 24.38
CA GLY B 98 -10.77 -21.52 23.66
C GLY B 98 -10.77 -21.30 22.16
N ASP B 99 -10.27 -22.29 21.43
CA ASP B 99 -10.21 -22.25 19.98
C ASP B 99 -11.23 -23.19 19.34
N ALA B 100 -11.12 -23.42 18.03
CA ALA B 100 -12.08 -24.28 17.33
C ALA B 100 -12.34 -25.67 17.92
N PRO B 101 -11.29 -26.35 18.42
CA PRO B 101 -11.54 -27.70 18.98
C PRO B 101 -12.56 -27.65 20.13
N GLY B 102 -12.72 -26.46 20.69
CA GLY B 102 -13.66 -26.30 21.79
C GLY B 102 -15.09 -26.59 21.38
N LEU B 103 -15.38 -26.54 20.08
CA LEU B 103 -16.72 -26.81 19.60
C LEU B 103 -17.16 -28.25 19.92
N LYS B 104 -16.20 -29.16 20.05
CA LYS B 104 -16.49 -30.57 20.37
C LYS B 104 -17.24 -30.68 21.71
N VAL B 105 -16.92 -29.81 22.66
CA VAL B 105 -17.54 -29.84 23.98
C VAL B 105 -18.44 -28.64 24.29
N LYS B 106 -18.98 -28.03 23.23
CA LYS B 106 -19.85 -26.86 23.38
C LYS B 106 -21.10 -27.16 24.21
N ASP B 107 -21.82 -28.22 23.85
CA ASP B 107 -23.03 -28.59 24.56
C ASP B 107 -22.70 -29.03 25.98
N GLU B 108 -21.61 -29.79 26.11
CA GLU B 108 -21.15 -30.27 27.41
C GLU B 108 -20.90 -29.07 28.34
N GLU B 110 -22.42 -26.07 28.15
CA GLU B 110 -23.68 -25.42 28.48
C GLU B 110 -24.38 -26.24 29.56
N GLU B 111 -24.11 -27.54 29.57
CA GLU B 111 -24.69 -28.47 30.54
C GLU B 111 -24.00 -28.24 31.89
N GLN B 112 -22.72 -27.87 31.85
CA GLN B 112 -21.94 -27.62 33.06
C GLN B 112 -22.23 -26.24 33.63
N GLY B 113 -23.06 -25.46 32.91
CA GLY B 113 -23.38 -24.13 33.39
C GLY B 113 -22.23 -23.15 33.23
N LEU B 114 -21.35 -23.43 32.27
CA LEU B 114 -20.20 -22.58 31.99
C LEU B 114 -20.42 -21.67 30.79
N GLY B 115 -19.77 -20.51 30.80
CA GLY B 115 -19.88 -19.60 29.68
C GLY B 115 -18.70 -19.92 28.75
N TYR B 116 -18.71 -19.37 27.54
CA TYR B 116 -17.59 -19.64 26.65
C TYR B 116 -17.48 -18.64 25.51
N ILE B 117 -16.26 -18.49 25.01
CA ILE B 117 -15.96 -17.62 23.86
C ILE B 117 -14.91 -18.47 23.13
N LEU B 118 -15.33 -19.04 21.99
CA LEU B 118 -14.51 -19.89 21.16
C LEU B 118 -14.14 -19.07 19.91
N VAL B 119 -12.85 -18.88 19.75
CA VAL B 119 -12.30 -18.09 18.63
C VAL B 119 -11.69 -19.04 17.59
N LYS B 120 -12.43 -19.28 16.52
CA LYS B 120 -12.01 -20.17 15.45
C LYS B 120 -10.71 -19.72 14.80
N PRO B 121 -10.55 -18.40 14.55
CA PRO B 121 -9.28 -17.98 13.94
C PRO B 121 -8.05 -18.04 14.85
N ASP B 122 -8.21 -18.37 16.13
CA ASP B 122 -7.06 -18.44 17.06
C ASP B 122 -6.45 -19.82 16.86
N ALA B 123 -5.67 -19.94 15.79
CA ALA B 123 -5.12 -21.21 15.38
C ALA B 123 -3.89 -21.76 16.03
N LEU B 125 -0.35 -23.25 16.43
CA LEU B 125 0.84 -23.01 15.62
C LEU B 125 1.54 -24.31 15.21
N GLY B 126 2.57 -24.18 14.39
CA GLY B 126 3.27 -25.35 13.86
C GLY B 126 4.30 -25.89 14.82
N ALA B 127 3.80 -26.50 15.87
CA ALA B 127 4.63 -26.97 16.95
C ALA B 127 5.44 -28.24 16.77
N ARG B 128 6.40 -28.21 15.86
CA ARG B 128 7.34 -29.29 15.64
C ARG B 128 8.72 -28.74 16.04
N ARG B 129 9.49 -29.54 16.76
CA ARG B 129 10.78 -29.09 17.23
C ARG B 129 11.75 -28.60 16.15
N GLU B 130 11.67 -29.16 14.95
CA GLU B 130 12.58 -28.77 13.87
C GLU B 130 12.30 -27.40 13.30
N PHE B 131 11.18 -26.84 13.68
CA PHE B 131 10.75 -25.54 13.16
C PHE B 131 10.46 -24.49 14.20
N LEU B 132 9.69 -24.89 15.20
CA LEU B 132 9.28 -23.95 16.20
C LEU B 132 10.20 -23.77 17.38
N ASP B 133 11.01 -22.71 17.37
CA ASP B 133 11.86 -22.39 18.52
C ASP B 133 11.17 -21.19 19.20
N PRO B 134 11.73 -20.66 20.29
CA PRO B 134 11.06 -19.51 20.94
C PRO B 134 10.82 -18.29 20.03
N VAL B 135 11.80 -17.93 19.22
CA VAL B 135 11.65 -16.77 18.32
C VAL B 135 10.51 -17.01 17.32
N GLU B 136 10.47 -18.18 16.68
CA GLU B 136 9.41 -18.47 15.71
C GLU B 136 8.04 -18.44 16.41
N ALA B 138 7.17 -16.60 18.97
CA ALA B 138 6.84 -15.19 19.21
C ALA B 138 6.42 -14.51 17.91
N ILE B 139 7.12 -14.82 16.81
CA ILE B 139 6.75 -14.22 15.51
C ILE B 139 5.33 -14.60 15.12
N TYR B 140 5.00 -15.88 15.28
CA TYR B 140 3.67 -16.35 14.92
C TYR B 140 2.64 -15.66 15.81
N ASN B 141 2.93 -15.56 17.09
CA ASN B 141 1.98 -14.90 17.97
C ASN B 141 1.81 -13.41 17.63
N ALA B 142 2.88 -12.76 17.17
CA ALA B 142 2.77 -11.36 16.79
C ALA B 142 1.82 -11.25 15.59
N ASP B 143 1.96 -12.14 14.61
CA ASP B 143 1.07 -12.09 13.46
C ASP B 143 -0.39 -12.39 13.87
N LEU B 144 -0.58 -13.41 14.68
CA LEU B 144 -1.94 -13.76 15.13
C LEU B 144 -2.54 -12.60 15.93
N LYS B 146 -1.95 -9.45 15.63
CA LYS B 146 -2.33 -8.41 14.71
C LYS B 146 -3.65 -8.78 14.01
N VAL B 147 -3.79 -10.04 13.59
CA VAL B 147 -5.00 -10.47 12.93
C VAL B 147 -6.21 -10.28 13.86
N LEU B 148 -6.10 -10.82 15.07
CA LEU B 148 -7.24 -10.75 16.01
C LEU B 148 -7.59 -9.32 16.39
N ALA B 149 -6.59 -8.46 16.49
CA ALA B 149 -6.83 -7.07 16.83
C ALA B 149 -7.37 -6.25 15.65
N ALA B 150 -6.65 -6.19 14.53
CA ALA B 150 -7.11 -5.36 13.43
C ALA B 150 -8.37 -5.76 12.70
N THR B 151 -8.77 -7.02 12.81
CA THR B 151 -9.99 -7.49 12.18
C THR B 151 -11.18 -7.17 13.07
N GLY B 152 -10.90 -6.82 14.33
CA GLY B 152 -11.99 -6.46 15.25
C GLY B 152 -12.41 -7.61 16.16
N VAL B 153 -11.78 -8.76 16.05
CA VAL B 153 -12.16 -9.89 16.91
C VAL B 153 -11.98 -9.53 18.39
N PHE B 154 -10.88 -8.86 18.73
CA PHE B 154 -10.67 -8.49 20.12
C PHE B 154 -11.75 -7.53 20.62
N ARG B 155 -12.40 -6.78 19.73
CA ARG B 155 -13.43 -5.86 20.21
C ARG B 155 -14.64 -6.70 20.62
N VAL B 156 -14.93 -7.76 19.88
CA VAL B 156 -16.05 -8.64 20.20
C VAL B 156 -15.82 -9.22 21.60
N VAL B 157 -14.58 -9.63 21.87
CA VAL B 157 -14.21 -10.21 23.17
C VAL B 157 -14.32 -9.13 24.25
N GLN B 158 -13.77 -7.95 23.99
CA GLN B 158 -13.83 -6.81 24.93
C GLN B 158 -15.27 -6.54 25.33
N GLU B 159 -16.13 -6.50 24.34
CA GLU B 159 -17.55 -6.22 24.57
C GLU B 159 -18.26 -7.30 25.37
N ALA B 160 -17.89 -8.56 25.16
CA ALA B 160 -18.52 -9.63 25.91
C ALA B 160 -18.18 -9.50 27.39
N PHE B 161 -16.89 -9.34 27.69
CA PHE B 161 -16.47 -9.23 29.08
C PHE B 161 -16.93 -7.93 29.74
N ASP B 162 -17.09 -6.88 28.95
CA ASP B 162 -17.53 -5.62 29.53
C ASP B 162 -19.01 -5.66 29.91
N GLU B 163 -19.81 -6.38 29.12
CA GLU B 163 -21.23 -6.50 29.39
C GLU B 163 -21.38 -7.35 30.66
N LEU B 164 -20.55 -8.39 30.77
CA LEU B 164 -20.59 -9.28 31.93
C LEU B 164 -20.17 -8.49 33.17
N ILE B 165 -19.20 -7.59 33.02
CA ILE B 165 -18.72 -6.77 34.13
C ILE B 165 -19.83 -5.85 34.65
N GLU B 166 -20.77 -5.51 33.77
CA GLU B 166 -21.89 -4.66 34.18
C GLU B 166 -22.91 -5.51 34.92
N LYS B 167 -23.20 -6.69 34.38
CA LYS B 167 -24.15 -7.60 35.02
C LYS B 167 -23.63 -7.96 36.41
N ALA B 168 -22.31 -8.08 36.52
CA ALA B 168 -21.64 -8.44 37.76
C ALA B 168 -21.78 -7.36 38.84
N LYS B 169 -21.76 -6.10 38.43
CA LYS B 169 -21.88 -5.02 39.40
C LYS B 169 -23.28 -5.02 40.00
N GLU B 170 -24.24 -5.54 39.24
CA GLU B 170 -25.61 -5.62 39.71
C GLU B 170 -25.76 -6.88 40.55
N ASP B 171 -24.61 -7.40 41.00
CA ASP B 171 -24.52 -8.58 41.83
C ASP B 171 -25.45 -9.70 41.40
N GLU B 172 -25.87 -9.66 40.14
CA GLU B 172 -26.78 -10.67 39.63
C GLU B 172 -26.22 -11.42 38.43
N ILE B 173 -25.21 -12.25 38.65
CA ILE B 173 -24.63 -13.01 37.54
C ILE B 173 -25.19 -14.42 37.46
N SER B 174 -26.21 -14.59 36.62
CA SER B 174 -26.82 -15.89 36.44
C SER B 174 -26.24 -16.54 35.19
N GLU B 175 -26.54 -17.83 35.01
CA GLU B 175 -26.05 -18.55 33.85
C GLU B 175 -26.51 -17.91 32.56
N ASN B 176 -27.70 -17.35 32.57
CA ASN B 176 -28.25 -16.71 31.38
C ASN B 176 -27.44 -15.48 31.01
N ASP B 177 -26.51 -15.10 31.88
CA ASP B 177 -25.66 -13.93 31.64
C ASP B 177 -24.29 -14.29 31.10
N LEU B 178 -23.93 -15.56 31.22
CA LEU B 178 -22.62 -16.01 30.74
C LEU B 178 -22.60 -16.02 29.21
N PRO B 179 -21.55 -15.42 28.63
CA PRO B 179 -21.49 -15.41 27.16
C PRO B 179 -21.40 -16.80 26.58
N LYS B 180 -21.95 -16.97 25.38
CA LYS B 180 -21.91 -18.23 24.65
C LYS B 180 -21.61 -17.85 23.21
N LEU B 181 -20.36 -17.47 22.98
CA LEU B 181 -19.92 -17.02 21.67
C LEU B 181 -18.97 -17.92 20.89
N VAL B 182 -19.19 -17.94 19.58
CA VAL B 182 -18.33 -18.66 18.64
C VAL B 182 -17.98 -17.57 17.62
N ILE B 183 -16.69 -17.28 17.50
CA ILE B 183 -16.24 -16.20 16.62
C ILE B 183 -15.49 -16.74 15.41
N ASP B 184 -15.88 -16.24 14.25
CA ASP B 184 -15.22 -16.61 13.02
C ASP B 184 -15.37 -15.52 11.99
N ARG B 185 -14.94 -15.83 10.77
CA ARG B 185 -15.00 -14.88 9.68
C ARG B 185 -16.38 -14.22 9.56
N ASN B 186 -17.44 -15.03 9.60
CA ASN B 186 -18.75 -14.45 9.45
C ASN B 186 -19.23 -13.54 10.59
N THR B 187 -18.57 -13.60 11.73
CA THR B 187 -18.90 -12.72 12.85
C THR B 187 -18.83 -11.28 12.38
N LEU B 188 -17.88 -10.96 11.49
CA LEU B 188 -17.79 -9.59 11.04
C LEU B 188 -19.00 -9.06 10.28
N LEU B 189 -19.80 -9.94 9.69
CA LEU B 189 -20.98 -9.51 8.94
C LEU B 189 -22.05 -8.87 9.84
N GLU B 190 -22.04 -9.22 11.12
CA GLU B 190 -23.04 -8.67 12.04
C GLU B 190 -22.54 -7.48 12.84
N ARG B 191 -21.38 -6.96 12.44
CA ARG B 191 -20.76 -5.84 13.12
C ARG B 191 -20.70 -4.59 12.25
N GLU B 192 -20.41 -3.46 12.87
CA GLU B 192 -20.30 -2.19 12.17
C GLU B 192 -18.86 -1.71 12.31
N GLU B 193 -17.95 -2.65 12.52
CA GLU B 193 -16.52 -2.36 12.72
C GLU B 193 -15.93 -1.43 11.65
N PHE B 194 -16.13 -1.81 10.39
CA PHE B 194 -15.54 -1.06 9.29
C PHE B 194 -16.43 -0.14 8.51
N GLU B 195 -15.94 1.08 8.31
CA GLU B 195 -16.68 2.02 7.52
C GLU B 195 -16.47 1.70 6.05
N ASN B 196 -15.26 1.26 5.67
CA ASN B 196 -14.98 0.90 4.27
C ASN B 196 -15.31 -0.58 4.04
N PRO B 197 -16.14 -0.89 3.03
CA PRO B 197 -16.53 -2.28 2.75
C PRO B 197 -15.37 -3.23 2.37
N TYR B 198 -14.38 -2.68 1.66
CA TYR B 198 -13.24 -3.54 1.30
C TYR B 198 -12.39 -3.79 2.53
N ALA B 199 -12.36 -2.89 3.53
CA ALA B 199 -11.62 -3.20 4.77
C ALA B 199 -12.32 -4.40 5.44
N VAL B 201 -14.11 -6.79 3.97
CA VAL B 201 -13.84 -7.97 3.18
C VAL B 201 -12.37 -8.46 3.31
N LYS B 202 -11.42 -7.55 3.41
CA LYS B 202 -10.04 -7.98 3.63
C LYS B 202 -9.88 -8.62 5.05
N ALA B 203 -10.57 -8.03 6.05
CA ALA B 203 -10.55 -8.56 7.42
C ALA B 203 -11.21 -9.96 7.43
N ALA B 205 -11.26 -12.07 4.87
CA ALA B 205 -10.28 -12.98 4.26
C ALA B 205 -9.14 -13.32 5.25
N ALA B 206 -8.71 -12.33 6.04
CA ALA B 206 -7.68 -12.59 7.05
C ALA B 206 -8.18 -13.63 8.06
N LEU B 207 -9.42 -13.48 8.51
CA LEU B 207 -9.93 -14.46 9.49
C LEU B 207 -10.13 -15.84 8.89
N GLU B 208 -10.51 -15.93 7.62
CA GLU B 208 -10.69 -17.22 6.97
C GLU B 208 -9.31 -17.91 6.87
N ILE B 209 -8.29 -17.17 6.42
CA ILE B 209 -6.96 -17.77 6.35
C ILE B 209 -6.47 -18.23 7.73
N ALA B 210 -6.67 -17.39 8.74
CA ALA B 210 -6.24 -17.71 10.09
C ALA B 210 -6.93 -18.99 10.57
N GLU B 211 -8.24 -19.10 10.34
CA GLU B 211 -8.93 -20.32 10.73
C GLU B 211 -8.36 -21.55 10.00
N ASN B 212 -8.02 -21.38 8.72
CA ASN B 212 -7.50 -22.47 7.92
C ASN B 212 -6.09 -22.91 8.33
N VAL B 213 -5.36 -22.02 9.00
CA VAL B 213 -4.01 -22.34 9.46
C VAL B 213 -4.06 -23.54 10.39
N ALA B 214 -5.10 -23.58 11.22
CA ALA B 214 -5.22 -24.67 12.19
C ALA B 214 -5.16 -26.07 11.56
N ASP B 215 -5.86 -26.27 10.46
CA ASP B 215 -5.86 -27.59 9.82
C ASP B 215 -4.47 -27.98 9.33
N VAL B 216 -3.71 -26.98 8.88
CA VAL B 216 -2.37 -27.24 8.39
C VAL B 216 -1.45 -27.61 9.55
N SER B 217 -1.48 -26.84 10.64
CA SER B 217 -0.67 -27.14 11.82
C SER B 217 -1.00 -28.54 12.35
N VAL B 218 -2.29 -28.86 12.40
CA VAL B 218 -2.71 -30.18 12.90
C VAL B 218 -2.13 -31.29 12.03
N GLU B 219 -2.21 -31.14 10.71
CA GLU B 219 -1.67 -32.14 9.82
C GLU B 219 -0.16 -32.30 10.04
N GLY B 220 0.57 -31.20 10.11
CA GLY B 220 2.00 -31.30 10.30
C GLY B 220 2.44 -31.83 11.67
N CYS B 221 1.69 -31.51 12.70
CA CYS B 221 2.05 -31.95 14.06
C CYS B 221 1.59 -33.36 14.41
N PHE B 222 0.37 -33.71 14.00
CA PHE B 222 -0.21 -34.99 14.38
C PHE B 222 -0.45 -36.08 13.34
N VAL B 223 -0.51 -35.73 12.06
CA VAL B 223 -0.80 -36.72 11.04
C VAL B 223 0.40 -37.13 10.22
N GLU B 224 1.01 -36.17 9.56
CA GLU B 224 2.17 -36.44 8.75
C GLU B 224 3.35 -36.89 9.65
N GLN B 225 3.99 -38.01 9.30
CA GLN B 225 5.10 -38.51 10.11
C GLN B 225 6.48 -38.46 9.47
N ASP B 226 6.54 -38.12 8.18
CA ASP B 226 7.82 -38.03 7.46
C ASP B 226 8.32 -36.62 7.68
N LYS B 227 9.50 -36.47 8.31
CA LYS B 227 10.00 -35.11 8.58
C LYS B 227 10.32 -34.29 7.32
N GLU B 228 10.56 -34.96 6.19
CA GLU B 228 10.83 -34.19 4.97
C GLU B 228 9.53 -33.53 4.52
N ARG B 229 8.40 -33.96 5.09
CA ARG B 229 7.10 -33.41 4.75
C ARG B 229 6.49 -32.57 5.87
N TYR B 230 6.58 -33.03 7.11
CA TYR B 230 5.96 -32.23 8.16
C TYR B 230 6.67 -30.92 8.50
N VAL B 231 7.98 -30.79 8.28
CA VAL B 231 8.62 -29.52 8.61
C VAL B 231 8.11 -28.47 7.59
N PRO B 232 8.13 -28.77 6.26
CA PRO B 232 7.59 -27.77 5.31
C PRO B 232 6.11 -27.48 5.59
N ILE B 233 5.35 -28.52 5.96
CA ILE B 233 3.94 -28.30 6.25
C ILE B 233 3.71 -27.29 7.38
N VAL B 234 4.32 -27.50 8.56
CA VAL B 234 4.11 -26.53 9.63
C VAL B 234 4.64 -25.14 9.25
N ALA B 235 5.74 -25.06 8.49
CA ALA B 235 6.21 -23.74 8.13
C ALA B 235 5.24 -23.05 7.19
N SER B 236 4.52 -23.81 6.34
CA SER B 236 3.59 -23.18 5.39
C SER B 236 2.40 -22.60 6.19
N ALA B 237 2.08 -23.22 7.32
CA ALA B 237 1.02 -22.65 8.13
C ALA B 237 1.43 -21.27 8.68
N HIS B 238 2.71 -21.12 9.04
CA HIS B 238 3.19 -19.85 9.55
C HIS B 238 3.26 -18.79 8.42
N GLU B 239 3.61 -19.20 7.19
CA GLU B 239 3.62 -18.23 6.09
C GLU B 239 2.18 -17.77 5.83
N ARG B 242 1.29 -15.10 8.37
CA ARG B 242 1.96 -13.84 8.12
C ARG B 242 1.16 -13.05 7.06
N LYS B 243 0.60 -13.72 6.04
CA LYS B 243 -0.21 -13.03 5.04
C LYS B 243 -1.57 -12.61 5.62
N ALA B 244 -2.09 -13.42 6.56
CA ALA B 244 -3.35 -13.00 7.18
C ALA B 244 -3.09 -11.67 7.93
N ALA B 245 -1.94 -11.55 8.60
CA ALA B 245 -1.59 -10.34 9.34
C ALA B 245 -1.48 -9.19 8.33
N GLU B 246 -0.89 -9.46 7.17
CA GLU B 246 -0.80 -8.38 6.18
C GLU B 246 -2.16 -7.91 5.67
N LEU B 247 -3.12 -8.82 5.49
CA LEU B 247 -4.48 -8.43 5.05
C LEU B 247 -5.12 -7.59 6.14
N ALA B 248 -4.92 -8.00 7.39
CA ALA B 248 -5.51 -7.22 8.50
C ALA B 248 -4.92 -5.82 8.54
N ASP B 249 -3.60 -5.72 8.35
CA ASP B 249 -2.96 -4.42 8.27
C ASP B 249 -3.54 -3.59 7.12
N GLU B 250 -3.71 -4.22 5.95
CA GLU B 250 -4.26 -3.52 4.79
C GLU B 250 -5.65 -2.97 5.10
N ALA B 251 -6.44 -3.79 5.81
CA ALA B 251 -7.79 -3.34 6.19
C ALA B 251 -7.75 -2.09 7.07
N ARG B 252 -6.90 -2.11 8.07
CA ARG B 252 -6.76 -0.96 8.98
C ARG B 252 -6.29 0.27 8.21
N GLU B 253 -5.38 0.08 7.26
CA GLU B 253 -4.94 1.23 6.50
C GLU B 253 -6.06 1.83 5.66
N LEU B 254 -6.98 1.00 5.16
CA LEU B 254 -8.11 1.53 4.42
C LEU B 254 -8.95 2.40 5.35
N GLU B 255 -9.16 1.95 6.58
CA GLU B 255 -9.93 2.79 7.53
C GLU B 255 -9.19 4.12 7.74
N LYS B 256 -7.86 4.08 7.84
CA LYS B 256 -7.09 5.31 8.01
C LYS B 256 -7.29 6.23 6.81
N SER B 257 -7.32 5.67 5.61
CA SER B 257 -7.50 6.55 4.44
C SER B 257 -8.83 7.29 4.45
N ASN B 258 -9.81 6.71 5.14
CA ASN B 258 -11.15 7.29 5.22
C ASN B 258 -11.34 8.02 6.57
N ASP B 259 -10.26 8.16 7.35
CA ASP B 259 -10.29 8.74 8.70
C ASP B 259 -11.49 8.19 9.44
N ALA B 260 -11.58 6.86 9.49
CA ALA B 260 -12.73 6.20 10.11
C ALA B 260 -12.33 5.01 10.99
N VAL B 261 -11.15 5.09 11.60
CA VAL B 261 -10.74 4.01 12.47
C VAL B 261 -11.56 4.03 13.77
N LEU B 262 -12.36 2.98 13.96
CA LEU B 262 -13.17 2.89 15.19
C LEU B 262 -12.25 2.70 16.40
N ARG B 263 -12.51 3.44 17.48
CA ARG B 263 -11.75 3.30 18.72
C ARG B 263 -12.82 3.32 19.84
N THR B 264 -12.74 2.35 20.73
CA THR B 264 -13.72 2.23 21.84
C THR B 264 -12.93 2.13 23.15
N PRO B 265 -12.39 3.26 23.62
CA PRO B 265 -11.62 3.20 24.87
C PRO B 265 -12.49 3.23 26.10
N HIS B 266 -11.95 2.75 27.21
CA HIS B 266 -12.68 2.77 28.48
C HIS B 266 -12.48 4.09 29.19
N ALA B 267 -13.52 4.53 29.89
CA ALA B 267 -13.45 5.76 30.68
C ALA B 267 -13.02 5.29 32.06
N PRO B 268 -12.55 6.20 32.93
CA PRO B 268 -12.15 5.74 34.26
C PRO B 268 -13.24 4.99 35.02
N ASP B 269 -14.49 5.35 34.79
CA ASP B 269 -15.62 4.70 35.45
C ASP B 269 -15.94 3.35 34.80
N GLY B 270 -15.32 3.09 33.65
CA GLY B 270 -15.56 1.83 32.96
C GLY B 270 -16.45 1.89 31.74
N LYS B 271 -17.15 3.00 31.51
CA LYS B 271 -18.02 3.06 30.36
C LYS B 271 -17.19 3.05 29.08
N VAL B 272 -17.67 2.32 28.08
CA VAL B 272 -16.98 2.22 26.79
C VAL B 272 -17.36 3.40 25.91
N LEU B 273 -16.38 4.21 25.55
CA LEU B 273 -16.63 5.37 24.71
C LEU B 273 -16.42 4.92 23.27
N SER B 274 -16.70 5.83 22.34
CA SER B 274 -16.56 5.51 20.93
C SER B 274 -16.20 6.74 20.13
N LYS B 275 -15.46 6.54 19.04
CA LYS B 275 -15.09 7.64 18.15
C LYS B 275 -14.65 7.01 16.81
N ARG B 276 -14.68 7.83 15.77
CA ARG B 276 -14.26 7.39 14.43
C ARG B 276 -13.20 8.30 13.85
N LYS B 277 -13.41 9.59 13.92
CA LYS B 277 -12.43 10.53 13.35
C LYS B 277 -11.24 10.69 14.27
N PHE B 278 -10.06 10.83 13.67
CA PHE B 278 -8.87 10.90 14.48
C PHE B 278 -8.89 11.98 15.57
N GLU B 280 -11.53 13.45 16.84
CA GLU B 280 -12.83 13.45 17.53
C GLU B 280 -12.68 12.92 18.97
N ASP B 281 -13.20 13.63 19.96
CA ASP B 281 -13.11 13.14 21.33
C ASP B 281 -14.02 11.92 21.45
N PRO B 282 -13.59 10.88 22.19
CA PRO B 282 -14.42 9.68 22.36
C PRO B 282 -15.55 9.97 23.34
N GLU B 283 -16.77 9.60 22.97
CA GLU B 283 -17.94 9.84 23.83
C GLU B 283 -18.55 8.52 24.28
N THR C 2 9.39 44.61 -9.98
CA THR C 2 10.62 44.44 -9.22
C THR C 2 11.16 43.02 -9.36
N VAL C 3 12.47 42.92 -9.55
CA VAL C 3 13.16 41.64 -9.69
C VAL C 3 14.10 41.43 -8.50
N ALA C 4 13.74 40.51 -7.60
CA ALA C 4 14.57 40.23 -6.44
C ALA C 4 15.77 39.38 -6.85
N LYS C 5 16.92 39.61 -6.24
CA LYS C 5 18.10 38.84 -6.56
C LYS C 5 18.78 38.24 -5.35
N ALA C 6 19.31 37.03 -5.50
CA ALA C 6 19.99 36.40 -4.39
C ALA C 6 21.13 35.51 -4.84
N ILE C 7 22.08 35.31 -3.94
CA ILE C 7 23.22 34.45 -4.20
C ILE C 7 23.16 33.35 -3.15
N PHE C 8 23.31 32.11 -3.62
CA PHE C 8 23.33 30.93 -2.76
C PHE C 8 24.74 30.38 -2.77
N ILE C 9 25.26 30.08 -1.59
CA ILE C 9 26.60 29.51 -1.45
C ILE C 9 26.43 28.11 -0.87
N LYS C 10 27.02 27.13 -1.54
CA LYS C 10 26.90 25.74 -1.11
C LYS C 10 28.25 25.09 -0.85
N CYS C 11 28.52 24.78 0.42
CA CYS C 11 29.76 24.09 0.80
C CYS C 11 29.35 22.91 1.65
N GLY C 12 29.82 21.72 1.27
CA GLY C 12 29.43 20.53 1.99
C GLY C 12 28.06 20.21 1.42
N ASN C 13 27.40 19.16 1.90
CA ASN C 13 26.08 18.86 1.35
C ASN C 13 25.05 18.53 2.42
N LEU C 14 23.88 19.10 2.23
CA LEU C 14 22.77 18.90 3.13
C LEU C 14 21.61 18.72 2.15
N GLY C 15 20.58 17.97 2.55
CA GLY C 15 19.48 17.82 1.61
C GLY C 15 18.81 19.15 1.27
N THR C 16 18.69 20.01 2.29
CA THR C 16 18.03 21.29 2.11
C THR C 16 18.87 22.23 1.26
N SER C 17 20.19 22.12 1.34
CA SER C 17 21.01 23.01 0.53
C SER C 17 21.05 22.57 -0.93
N ASP C 21 17.51 26.55 -3.66
CA ASP C 21 17.24 27.52 -4.72
C ASP C 21 16.18 27.06 -5.71
N LEU C 23 13.62 25.19 -5.21
CA LEU C 23 12.27 25.23 -4.63
C LEU C 23 11.59 26.56 -4.90
N LEU C 24 12.38 27.57 -5.26
CA LEU C 24 11.80 28.88 -5.49
C LEU C 24 11.38 29.20 -6.94
N ASP C 25 11.71 28.32 -7.88
CA ASP C 25 11.37 28.60 -9.29
C ASP C 25 11.40 27.23 -10.00
N GLU C 26 10.49 26.36 -9.57
CA GLU C 26 10.42 24.99 -10.04
C GLU C 26 10.37 24.70 -11.53
N ARG C 27 9.86 25.65 -12.31
CA ARG C 27 9.74 25.48 -13.76
C ARG C 27 10.51 26.59 -14.50
N ALA C 28 11.32 27.34 -13.75
CA ALA C 28 12.16 28.41 -14.31
C ALA C 28 11.39 29.49 -15.05
N ASP C 29 10.12 29.69 -14.71
CA ASP C 29 9.30 30.70 -15.38
C ASP C 29 9.02 31.95 -14.55
N ARG C 30 9.63 32.07 -13.36
CA ARG C 30 9.40 33.26 -12.56
C ARG C 30 10.17 34.42 -13.18
N GLU C 31 9.52 35.55 -13.34
CA GLU C 31 10.23 36.69 -13.91
C GLU C 31 10.56 37.74 -12.85
N ASP C 32 10.24 37.42 -11.59
CA ASP C 32 10.50 38.34 -10.48
C ASP C 32 11.74 37.95 -9.66
N VAL C 33 12.53 37.00 -10.14
CA VAL C 33 13.74 36.61 -9.43
C VAL C 33 14.90 36.22 -10.33
N GLU C 34 16.11 36.34 -9.81
CA GLU C 34 17.31 35.94 -10.54
C GLU C 34 18.31 35.50 -9.48
N PHE C 35 18.89 34.32 -9.67
CA PHE C 35 19.83 33.79 -8.70
C PHE C 35 21.18 33.43 -9.29
N ARG C 36 22.17 33.39 -8.40
CA ARG C 36 23.51 32.96 -8.74
C ARG C 36 23.81 31.95 -7.65
N VAL C 37 24.49 30.87 -8.03
CA VAL C 37 24.83 29.81 -7.09
C VAL C 37 26.30 29.49 -7.21
N VAL C 38 27.00 29.51 -6.08
CA VAL C 38 28.42 29.22 -6.05
C VAL C 38 28.79 28.35 -4.86
N GLY C 39 29.93 27.68 -4.95
CA GLY C 39 30.35 26.84 -3.87
C GLY C 39 31.60 26.03 -4.20
N THR C 40 32.05 25.26 -3.23
CA THR C 40 33.24 24.45 -3.39
C THR C 40 32.93 22.97 -3.33
N SER C 41 31.71 22.62 -3.74
CA SER C 41 31.25 21.25 -3.75
C SER C 41 31.17 20.76 -2.30
N VAL C 42 31.58 19.52 -2.05
CA VAL C 42 31.50 18.92 -0.72
C VAL C 42 32.50 19.45 0.31
N LYS C 43 33.60 20.05 -0.14
CA LYS C 43 34.57 20.57 0.81
C LYS C 43 34.03 21.77 1.57
N ASP C 45 35.94 23.04 4.56
CA ASP C 45 36.96 23.43 5.53
C ASP C 45 37.10 24.95 5.46
N PRO C 46 37.77 25.57 6.45
CA PRO C 46 37.93 27.03 6.47
C PRO C 46 38.48 27.64 5.17
N GLU C 47 39.49 27.01 4.57
CA GLU C 47 40.06 27.52 3.32
C GLU C 47 39.02 27.57 2.20
N CYS C 48 38.36 26.44 1.98
CA CYS C 48 37.36 26.35 0.92
C CYS C 48 36.16 27.25 1.13
N VAL C 49 35.65 27.29 2.35
CA VAL C 49 34.50 28.15 2.64
C VAL C 49 34.88 29.61 2.44
N GLU C 50 36.12 29.98 2.76
CA GLU C 50 36.51 31.38 2.58
C GLU C 50 36.49 31.69 1.10
N ALA C 51 37.09 30.81 0.31
CA ALA C 51 37.12 30.99 -1.12
C ALA C 51 35.67 31.08 -1.64
N ALA C 52 34.80 30.22 -1.10
CA ALA C 52 33.39 30.21 -1.53
C ALA C 52 32.72 31.54 -1.30
N VAL C 53 32.85 32.09 -0.09
CA VAL C 53 32.24 33.38 0.22
C VAL C 53 32.89 34.52 -0.55
N GLU C 54 34.18 34.42 -0.84
CA GLU C 54 34.87 35.45 -1.62
C GLU C 54 34.24 35.53 -3.00
N ALA C 56 31.33 34.63 -3.96
CA ALA C 56 30.02 35.22 -3.77
C ALA C 56 30.09 36.73 -3.61
N LEU C 57 30.93 37.20 -2.70
CA LEU C 57 31.05 38.63 -2.45
C LEU C 57 31.57 39.38 -3.67
N ASP C 58 32.46 38.76 -4.41
CA ASP C 58 33.01 39.39 -5.62
C ASP C 58 31.92 39.51 -6.67
N ILE C 59 31.11 38.47 -6.81
CA ILE C 59 30.02 38.49 -7.77
C ILE C 59 28.97 39.49 -7.31
N ALA C 60 28.76 39.54 -6.00
CA ALA C 60 27.78 40.45 -5.41
C ALA C 60 27.97 41.90 -5.85
N GLU C 61 29.22 42.25 -6.13
CA GLU C 61 29.52 43.62 -6.55
C GLU C 61 28.61 44.12 -7.67
N ASP C 62 28.64 43.44 -8.82
CA ASP C 62 27.81 43.85 -9.94
C ASP C 62 26.43 43.23 -9.93
N PHE C 63 26.31 42.05 -9.31
CA PHE C 63 25.04 41.36 -9.26
C PHE C 63 24.05 42.11 -8.37
N GLU C 64 24.56 42.64 -7.26
CA GLU C 64 23.76 43.41 -6.33
C GLU C 64 22.56 42.64 -5.76
N PRO C 65 22.82 41.51 -5.10
CA PRO C 65 21.70 40.73 -4.54
C PRO C 65 21.03 41.42 -3.35
N ASP C 66 19.77 41.08 -3.09
CA ASP C 66 19.03 41.62 -1.95
C ASP C 66 19.38 40.82 -0.68
N PHE C 67 19.83 39.58 -0.86
CA PHE C 67 20.26 38.75 0.26
C PHE C 67 21.15 37.61 -0.23
N ILE C 68 21.91 37.05 0.70
CA ILE C 68 22.80 35.95 0.41
C ILE C 68 22.47 34.81 1.34
N VAL C 69 22.52 33.59 0.81
CA VAL C 69 22.22 32.38 1.59
C VAL C 69 23.41 31.45 1.59
N TYR C 70 23.77 30.95 2.76
CA TYR C 70 24.85 30.00 2.87
C TYR C 70 24.18 28.76 3.42
N GLY C 71 24.36 27.66 2.69
CA GLY C 71 23.77 26.39 3.09
C GLY C 71 24.80 25.27 3.13
N GLY C 72 24.74 24.51 4.22
CA GLY C 72 25.67 23.41 4.40
C GLY C 72 25.58 22.84 5.79
N PRO C 73 26.21 21.70 6.02
CA PRO C 73 26.13 21.13 7.36
C PRO C 73 26.86 21.89 8.45
N ASN C 74 26.31 21.75 9.66
CA ASN C 74 26.86 22.29 10.88
C ASN C 74 27.39 23.75 10.91
N PRO C 75 26.49 24.71 11.13
CA PRO C 75 26.82 26.14 11.19
C PRO C 75 27.91 26.40 12.25
N ALA C 76 28.06 25.48 13.20
CA ALA C 76 29.03 25.62 14.29
C ALA C 76 30.45 25.15 13.97
N ALA C 77 30.62 24.45 12.85
CA ALA C 77 31.94 23.94 12.51
C ALA C 77 32.85 25.10 12.06
N PRO C 78 34.17 24.87 11.98
CA PRO C 78 35.16 25.89 11.57
C PRO C 78 34.88 26.62 10.26
N GLY C 79 34.63 25.87 9.19
CA GLY C 79 34.35 26.50 7.91
C GLY C 79 33.09 27.34 7.97
N PRO C 80 31.95 26.72 8.32
CA PRO C 80 30.71 27.48 8.38
C PRO C 80 30.78 28.70 9.29
N SER C 81 31.53 28.59 10.39
CA SER C 81 31.68 29.70 11.32
C SER C 81 32.40 30.85 10.60
N LYS C 82 33.36 30.50 9.75
CA LYS C 82 34.09 31.50 9.00
C LYS C 82 33.13 32.20 8.03
N ALA C 83 32.22 31.43 7.44
CA ALA C 83 31.26 32.01 6.53
C ALA C 83 30.32 32.94 7.28
N ARG C 84 29.89 32.55 8.49
CA ARG C 84 28.98 33.39 9.26
C ARG C 84 29.62 34.74 9.57
N GLU C 85 30.89 34.72 9.95
CA GLU C 85 31.58 35.94 10.28
C GLU C 85 31.70 36.85 9.06
N LEU C 87 29.86 36.89 6.24
CA LEU C 87 28.55 37.39 5.84
C LEU C 87 28.01 38.39 6.86
N ALA C 88 28.20 38.11 8.15
CA ALA C 88 27.76 39.00 9.20
C ALA C 88 28.46 40.34 9.00
N ASP C 89 29.72 40.30 8.58
CA ASP C 89 30.50 41.51 8.35
C ASP C 89 30.11 42.27 7.07
N SER C 90 29.69 41.53 6.05
CA SER C 90 29.30 42.12 4.77
C SER C 90 28.11 43.06 4.87
N GLU C 91 27.80 43.70 3.76
CA GLU C 91 26.69 44.65 3.67
C GLU C 91 25.39 43.96 3.24
N TYR C 92 25.46 42.66 3.01
CA TYR C 92 24.27 41.92 2.55
C TYR C 92 23.54 41.13 3.62
N PRO C 93 22.20 41.28 3.68
CA PRO C 93 21.36 40.55 4.64
C PRO C 93 21.61 39.10 4.30
N ALA C 94 21.78 38.25 5.31
CA ALA C 94 22.07 36.86 4.99
C ALA C 94 21.34 35.85 5.88
N VAL C 95 21.14 34.67 5.29
CA VAL C 95 20.48 33.55 5.96
C VAL C 95 21.39 32.31 5.93
N ILE C 96 21.43 31.59 7.05
CA ILE C 96 22.22 30.36 7.17
C ILE C 96 21.29 29.14 7.20
N ILE C 97 21.47 28.24 6.25
CA ILE C 97 20.68 27.00 6.21
C ILE C 97 21.59 25.90 6.77
N GLY C 98 21.14 25.20 7.79
CA GLY C 98 21.96 24.14 8.37
C GLY C 98 21.15 23.03 9.03
N ASP C 99 21.84 22.11 9.69
CA ASP C 99 21.17 21.00 10.40
C ASP C 99 21.10 21.20 11.92
N ALA C 100 20.76 20.15 12.67
CA ALA C 100 20.62 20.25 14.12
C ALA C 100 21.84 20.77 14.88
N PRO C 101 23.08 20.40 14.47
CA PRO C 101 24.27 20.90 15.17
C PRO C 101 24.30 22.44 15.18
N GLY C 102 23.53 23.05 14.28
CA GLY C 102 23.50 24.51 14.23
C GLY C 102 22.82 25.16 15.44
N LEU C 103 22.05 24.39 16.19
CA LEU C 103 21.36 24.90 17.37
C LEU C 103 22.38 25.43 18.38
N LYS C 104 23.58 24.87 18.35
CA LYS C 104 24.67 25.27 19.26
C LYS C 104 25.07 26.75 19.11
N VAL C 105 24.82 27.33 17.93
CA VAL C 105 25.16 28.74 17.67
C VAL C 105 23.99 29.63 17.28
N LYS C 106 22.79 29.25 17.69
CA LYS C 106 21.60 30.00 17.39
C LYS C 106 21.64 31.40 18.00
N ASP C 107 22.09 31.49 19.24
CA ASP C 107 22.16 32.80 19.91
C ASP C 107 23.21 33.65 19.24
N GLU C 108 24.31 33.01 18.87
CA GLU C 108 25.43 33.68 18.21
C GLU C 108 25.00 34.24 16.85
N GLU C 110 22.12 35.10 16.00
CA GLU C 110 21.18 36.19 16.23
C GLU C 110 21.96 37.44 16.54
N GLU C 111 23.08 37.29 17.24
CA GLU C 111 23.89 38.45 17.57
C GLU C 111 24.67 38.90 16.34
N GLN C 112 24.92 37.99 15.41
CA GLN C 112 25.66 38.32 14.19
C GLN C 112 24.74 38.98 13.17
N GLY C 113 23.46 39.08 13.52
CA GLY C 113 22.49 39.70 12.63
C GLY C 113 22.08 38.80 11.47
N LEU C 114 22.29 37.49 11.64
CA LEU C 114 21.95 36.52 10.60
C LEU C 114 20.62 35.84 10.80
N GLY C 115 20.02 35.43 9.69
CA GLY C 115 18.78 34.69 9.74
C GLY C 115 19.24 33.24 9.61
N TYR C 116 18.36 32.30 9.92
CA TYR C 116 18.73 30.89 9.81
C TYR C 116 17.49 30.01 9.64
N ILE C 117 17.72 28.86 9.01
CA ILE C 117 16.69 27.84 8.87
C ILE C 117 17.47 26.59 9.21
N LEU C 118 17.18 26.02 10.38
CA LEU C 118 17.85 24.83 10.85
C LEU C 118 16.88 23.67 10.70
N VAL C 119 17.30 22.66 9.94
CA VAL C 119 16.43 21.53 9.65
C VAL C 119 16.92 20.29 10.38
N LYS C 120 16.28 19.97 11.50
CA LYS C 120 16.74 18.84 12.28
C LYS C 120 16.72 17.47 11.58
N PRO C 121 15.69 17.19 10.75
CA PRO C 121 15.64 15.90 10.04
C PRO C 121 16.69 15.77 8.93
N ASP C 122 17.42 16.86 8.61
CA ASP C 122 18.40 16.82 7.52
C ASP C 122 19.66 16.22 8.14
N ALA C 123 19.64 14.90 8.31
CA ALA C 123 20.69 14.19 9.02
C ALA C 123 21.99 13.87 8.34
N LEU C 125 24.98 11.83 6.98
CA LEU C 125 25.02 10.46 6.49
C LEU C 125 26.16 9.61 7.12
N GLY C 126 26.15 8.31 6.86
CA GLY C 126 27.14 7.42 7.44
C GLY C 126 28.48 7.47 6.74
N ALA C 127 29.16 8.61 6.85
CA ALA C 127 30.42 8.82 6.13
C ALA C 127 31.69 8.09 6.58
N ARG C 128 31.69 6.78 6.43
CA ARG C 128 32.87 5.95 6.73
C ARG C 128 33.28 5.36 5.38
N ARG C 129 34.57 5.43 5.07
CA ARG C 129 35.05 4.93 3.80
C ARG C 129 34.65 3.50 3.43
N GLU C 130 34.55 2.63 4.42
CA GLU C 130 34.24 1.25 4.19
C GLU C 130 32.80 1.03 3.73
N PHE C 131 32.00 2.07 3.91
CA PHE C 131 30.58 1.97 3.56
C PHE C 131 30.09 3.01 2.58
N LEU C 132 30.50 4.26 2.77
CA LEU C 132 30.00 5.31 1.91
C LEU C 132 30.81 5.58 0.65
N ASP C 133 30.36 5.02 -0.46
CA ASP C 133 31.00 5.32 -1.74
C ASP C 133 30.04 6.31 -2.44
N PRO C 134 30.37 6.81 -3.64
CA PRO C 134 29.48 7.75 -4.31
C PRO C 134 28.02 7.28 -4.50
N VAL C 135 27.86 6.03 -4.89
CA VAL C 135 26.50 5.47 -5.13
C VAL C 135 25.71 5.46 -3.82
N GLU C 136 26.32 4.96 -2.75
CA GLU C 136 25.63 4.94 -1.46
C GLU C 136 25.26 6.35 -1.02
N ALA C 138 24.53 8.92 -2.92
CA ALA C 138 23.42 9.37 -3.76
C ALA C 138 22.13 8.67 -3.30
N ILE C 139 22.22 7.38 -2.95
CA ILE C 139 21.01 6.65 -2.51
C ILE C 139 20.47 7.28 -1.22
N TYR C 140 21.37 7.58 -0.28
CA TYR C 140 20.96 8.19 0.98
C TYR C 140 20.31 9.54 0.70
N ASN C 141 20.94 10.35 -0.13
CA ASN C 141 20.37 11.64 -0.42
C ASN C 141 19.04 11.54 -1.14
N ALA C 142 18.81 10.49 -1.92
CA ALA C 142 17.54 10.36 -2.61
C ALA C 142 16.48 10.09 -1.56
N ASP C 143 16.79 9.22 -0.60
CA ASP C 143 15.81 8.95 0.47
C ASP C 143 15.54 10.18 1.32
N LEU C 144 16.59 10.92 1.67
CA LEU C 144 16.40 12.12 2.48
C LEU C 144 15.59 13.16 1.73
N LYS C 146 13.33 12.64 -0.49
CA LYS C 146 11.95 12.18 -0.52
C LYS C 146 11.29 12.50 0.81
N VAL C 147 12.01 12.27 1.91
CA VAL C 147 11.47 12.58 3.22
C VAL C 147 11.20 14.09 3.35
N LEU C 148 12.19 14.93 3.05
CA LEU C 148 11.98 16.38 3.21
C LEU C 148 10.90 16.94 2.28
N ALA C 149 10.72 16.32 1.12
CA ALA C 149 9.70 16.78 0.17
C ALA C 149 8.31 16.31 0.56
N ALA C 150 8.13 15.00 0.65
CA ALA C 150 6.80 14.46 0.94
C ALA C 150 6.24 14.74 2.31
N THR C 151 7.06 15.08 3.30
CA THR C 151 6.53 15.42 4.62
C THR C 151 6.10 16.89 4.69
N GLY C 152 6.50 17.67 3.69
CA GLY C 152 6.14 19.09 3.66
C GLY C 152 7.24 20.02 4.15
N VAL C 153 8.38 19.49 4.60
CA VAL C 153 9.46 20.36 5.08
C VAL C 153 9.93 21.35 4.01
N PHE C 154 10.09 20.90 2.76
CA PHE C 154 10.50 21.80 1.69
C PHE C 154 9.49 22.92 1.44
N ARG C 155 8.21 22.69 1.75
CA ARG C 155 7.24 23.75 1.55
C ARG C 155 7.44 24.83 2.63
N VAL C 156 7.88 24.42 3.83
CA VAL C 156 8.13 25.37 4.91
C VAL C 156 9.29 26.26 4.48
N VAL C 157 10.31 25.65 3.87
CA VAL C 157 11.49 26.39 3.41
C VAL C 157 11.10 27.32 2.25
N GLN C 158 10.30 26.80 1.30
CA GLN C 158 9.81 27.57 0.13
C GLN C 158 9.11 28.82 0.61
N GLU C 159 8.19 28.64 1.55
CA GLU C 159 7.42 29.76 2.10
C GLU C 159 8.27 30.82 2.81
N ALA C 160 9.29 30.40 3.53
CA ALA C 160 10.16 31.33 4.25
C ALA C 160 10.92 32.22 3.27
N PHE C 161 11.51 31.60 2.25
CA PHE C 161 12.25 32.39 1.28
C PHE C 161 11.32 33.24 0.41
N ASP C 162 10.14 32.73 0.08
CA ASP C 162 9.22 33.53 -0.74
C ASP C 162 8.77 34.77 0.04
N GLU C 163 8.68 34.64 1.36
CA GLU C 163 8.29 35.76 2.21
C GLU C 163 9.42 36.78 2.21
N LEU C 164 10.67 36.30 2.21
CA LEU C 164 11.82 37.20 2.23
C LEU C 164 11.97 37.91 0.89
N ILE C 165 11.66 37.20 -0.19
CA ILE C 165 11.75 37.76 -1.54
C ILE C 165 10.75 38.90 -1.69
N GLU C 166 9.57 38.76 -1.11
CA GLU C 166 8.59 39.83 -1.18
C GLU C 166 9.18 41.05 -0.46
N LYS C 167 9.74 40.84 0.74
CA LYS C 167 10.37 41.92 1.50
C LYS C 167 11.45 42.59 0.66
N ALA C 168 12.31 41.79 0.02
CA ALA C 168 13.38 42.32 -0.81
C ALA C 168 12.86 43.24 -1.92
N LYS C 169 11.64 43.01 -2.36
CA LYS C 169 11.07 43.86 -3.40
C LYS C 169 10.78 45.27 -2.87
N GLU C 170 11.16 45.50 -1.62
CA GLU C 170 10.99 46.80 -0.97
C GLU C 170 12.38 47.39 -0.80
N ASP C 171 13.37 46.70 -1.38
CA ASP C 171 14.77 47.08 -1.31
C ASP C 171 15.14 47.47 0.12
N GLU C 172 14.53 46.77 1.07
CA GLU C 172 14.77 47.04 2.47
C GLU C 172 14.49 45.81 3.32
N ILE C 173 15.52 44.99 3.52
CA ILE C 173 15.38 43.79 4.35
C ILE C 173 15.96 44.06 5.72
N SER C 174 15.09 44.26 6.71
CA SER C 174 15.59 44.51 8.05
C SER C 174 16.01 43.19 8.68
N GLU C 175 16.84 43.25 9.71
CA GLU C 175 17.29 42.04 10.39
C GLU C 175 16.03 41.35 10.87
N ASN C 176 15.03 42.15 11.20
CA ASN C 176 13.74 41.65 11.69
C ASN C 176 13.02 40.81 10.66
N ASP C 177 13.34 41.02 9.39
CA ASP C 177 12.70 40.30 8.29
C ASP C 177 13.33 38.94 8.05
N LEU C 178 14.53 38.73 8.55
CA LEU C 178 15.22 37.47 8.33
C LEU C 178 14.58 36.31 9.09
N PRO C 179 14.46 35.14 8.42
CA PRO C 179 13.86 33.99 9.11
C PRO C 179 14.71 33.46 10.27
N LYS C 180 14.03 32.94 11.28
CA LYS C 180 14.70 32.35 12.43
C LYS C 180 13.90 31.09 12.73
N LEU C 181 14.10 30.08 11.88
CA LEU C 181 13.33 28.84 11.97
C LEU C 181 14.09 27.58 12.36
N VAL C 182 13.43 26.76 13.16
CA VAL C 182 13.96 25.47 13.54
C VAL C 182 12.87 24.49 13.14
N ILE C 183 13.18 23.61 12.20
CA ILE C 183 12.17 22.66 11.70
C ILE C 183 12.42 21.24 12.18
N ASP C 184 11.35 20.62 12.67
CA ASP C 184 11.44 19.24 13.10
C ASP C 184 10.06 18.57 13.01
N ARG C 185 9.96 17.37 13.56
CA ARG C 185 8.72 16.62 13.53
C ARG C 185 7.52 17.46 13.96
N ASN C 186 7.68 18.19 15.05
CA ASN C 186 6.56 18.98 15.55
C ASN C 186 6.14 20.17 14.71
N THR C 187 6.99 20.58 13.79
CA THR C 187 6.62 21.66 12.91
C THR C 187 5.29 21.34 12.18
N LEU C 188 5.03 20.06 11.88
CA LEU C 188 3.82 19.71 11.15
C LEU C 188 2.53 19.99 11.87
N LEU C 189 2.59 20.00 13.20
CA LEU C 189 1.40 20.25 14.03
C LEU C 189 0.85 21.66 13.81
N GLU C 190 1.67 22.56 13.31
CA GLU C 190 1.23 23.94 13.11
C GLU C 190 0.91 24.25 11.66
N ARG C 191 1.00 23.25 10.79
CA ARG C 191 0.75 23.40 9.38
C ARG C 191 -0.55 22.74 8.99
N GLU C 192 -1.00 22.99 7.78
CA GLU C 192 -2.21 22.34 7.30
C GLU C 192 -1.82 21.61 6.04
N GLU C 193 -0.64 21.02 6.07
CA GLU C 193 -0.12 20.32 4.91
C GLU C 193 -1.02 19.15 4.46
N PHE C 194 -1.44 18.34 5.43
CA PHE C 194 -2.23 17.15 5.15
C PHE C 194 -3.70 17.20 5.47
N GLU C 195 -4.52 16.80 4.50
CA GLU C 195 -5.95 16.73 4.73
C GLU C 195 -6.25 15.50 5.57
N ASN C 196 -5.55 14.40 5.33
CA ASN C 196 -5.78 13.17 6.09
C ASN C 196 -4.88 13.18 7.33
N PRO C 197 -5.44 13.00 8.53
CA PRO C 197 -4.63 13.01 9.74
C PRO C 197 -3.57 11.89 9.88
N TYR C 198 -3.85 10.72 9.29
CA TYR C 198 -2.90 9.62 9.37
C TYR C 198 -1.74 9.93 8.45
N ALA C 199 -1.99 10.66 7.37
CA ALA C 199 -0.86 11.05 6.50
C ALA C 199 0.03 12.02 7.31
N VAL C 201 0.42 12.10 10.63
CA VAL C 201 1.19 11.36 11.65
C VAL C 201 2.25 10.42 11.07
N LYS C 202 2.02 9.89 9.86
CA LYS C 202 3.05 9.07 9.21
C LYS C 202 4.19 10.02 8.81
N ALA C 203 3.86 11.22 8.33
CA ALA C 203 4.92 12.18 7.97
C ALA C 203 5.70 12.58 9.25
N ALA C 205 6.18 10.71 11.89
CA ALA C 205 7.03 9.55 12.20
C ALA C 205 8.28 9.53 11.29
N ALA C 206 8.10 9.85 10.00
CA ALA C 206 9.24 9.89 9.09
C ALA C 206 10.23 10.94 9.53
N LEU C 207 9.75 12.13 9.92
CA LEU C 207 10.70 13.18 10.34
C LEU C 207 11.40 12.82 11.65
N GLU C 208 10.70 12.11 12.55
CA GLU C 208 11.34 11.69 13.79
C GLU C 208 12.48 10.72 13.51
N ILE C 209 12.21 9.73 12.63
CA ILE C 209 13.21 8.73 12.27
C ILE C 209 14.39 9.43 11.59
N ALA C 210 14.09 10.34 10.67
CA ALA C 210 15.18 11.06 9.98
C ALA C 210 16.04 11.85 10.99
N GLU C 211 15.40 12.51 11.94
CA GLU C 211 16.17 13.26 12.95
C GLU C 211 17.07 12.30 13.74
N ASN C 212 16.52 11.13 14.10
CA ASN C 212 17.26 10.15 14.87
C ASN C 212 18.43 9.49 14.17
N VAL C 213 18.42 9.57 12.84
CA VAL C 213 19.50 9.01 12.03
C VAL C 213 20.83 9.72 12.37
N ALA C 214 20.76 11.03 12.60
CA ALA C 214 22.00 11.80 12.86
C ALA C 214 22.82 11.24 14.00
N ASP C 215 22.17 10.89 15.10
CA ASP C 215 22.90 10.34 16.25
C ASP C 215 23.57 9.02 15.95
N VAL C 216 22.98 8.21 15.07
CA VAL C 216 23.58 6.92 14.74
C VAL C 216 24.79 7.20 13.88
N SER C 217 24.63 8.10 12.93
CA SER C 217 25.75 8.47 12.05
C SER C 217 26.92 9.03 12.85
N VAL C 218 26.61 9.94 13.77
CA VAL C 218 27.66 10.55 14.60
C VAL C 218 28.40 9.46 15.39
N GLU C 219 27.66 8.57 16.03
CA GLU C 219 28.28 7.49 16.77
C GLU C 219 29.22 6.64 15.89
N GLY C 220 28.76 6.27 14.69
CA GLY C 220 29.60 5.44 13.84
C GLY C 220 30.78 6.14 13.21
N CYS C 221 30.66 7.46 13.05
CA CYS C 221 31.71 8.25 12.41
C CYS C 221 32.72 8.85 13.37
N PHE C 222 32.24 9.35 14.49
CA PHE C 222 33.11 10.03 15.46
C PHE C 222 33.35 9.41 16.83
N VAL C 223 32.55 8.42 17.22
CA VAL C 223 32.73 7.81 18.53
C VAL C 223 33.31 6.40 18.46
N GLU C 224 32.62 5.49 17.77
CA GLU C 224 33.07 4.10 17.65
C GLU C 224 34.33 4.01 16.79
N GLN C 225 35.36 3.35 17.30
CA GLN C 225 36.63 3.21 16.61
C GLN C 225 36.94 1.82 16.07
N ASP C 226 36.16 0.82 16.49
CA ASP C 226 36.36 -0.54 16.00
C ASP C 226 35.54 -0.71 14.71
N LYS C 227 36.20 -0.91 13.56
CA LYS C 227 35.50 -1.07 12.27
C LYS C 227 34.45 -2.19 12.30
N GLU C 228 34.65 -3.20 13.13
CA GLU C 228 33.68 -4.31 13.17
C GLU C 228 32.36 -3.85 13.75
N ARG C 229 32.39 -2.70 14.42
CA ARG C 229 31.18 -2.16 15.03
C ARG C 229 30.73 -0.90 14.24
N TYR C 230 31.66 -0.01 13.88
CA TYR C 230 31.19 1.18 13.16
C TYR C 230 30.65 1.02 11.73
N VAL C 231 31.08 0.00 10.98
CA VAL C 231 30.56 -0.16 9.62
C VAL C 231 29.07 -0.57 9.78
N PRO C 232 28.75 -1.55 10.64
CA PRO C 232 27.33 -1.91 10.81
C PRO C 232 26.54 -0.71 11.33
N ILE C 233 27.12 0.08 12.25
CA ILE C 233 26.41 1.21 12.78
C ILE C 233 26.06 2.23 11.71
N VAL C 234 27.02 2.62 10.86
CA VAL C 234 26.63 3.60 9.84
C VAL C 234 25.64 3.02 8.81
N ALA C 235 25.72 1.72 8.53
CA ALA C 235 24.79 1.13 7.54
C ALA C 235 23.40 1.08 8.14
N SER C 236 23.32 0.92 9.46
CA SER C 236 22.00 0.88 10.09
C SER C 236 21.33 2.26 9.98
N ALA C 237 22.11 3.34 10.04
CA ALA C 237 21.54 4.67 9.90
C ALA C 237 20.92 4.81 8.48
N HIS C 238 21.59 4.24 7.48
CA HIS C 238 21.04 4.34 6.15
C HIS C 238 19.75 3.51 5.99
N GLU C 239 19.66 2.36 6.65
CA GLU C 239 18.45 1.55 6.56
C GLU C 239 17.31 2.32 7.21
N ARG C 242 16.03 4.92 4.74
CA ARG C 242 15.26 4.28 3.67
C ARG C 242 13.81 4.06 4.15
N LYS C 243 13.66 3.58 5.39
CA LYS C 243 12.29 3.38 5.90
C LYS C 243 11.59 4.71 6.14
N ALA C 244 12.32 5.76 6.54
CA ALA C 244 11.68 7.06 6.71
C ALA C 244 11.11 7.51 5.34
N ALA C 245 11.85 7.25 4.26
CA ALA C 245 11.37 7.64 2.96
C ALA C 245 10.12 6.85 2.60
N GLU C 246 10.08 5.57 2.99
CA GLU C 246 8.90 4.75 2.67
C GLU C 246 7.68 5.28 3.44
N LEU C 247 7.87 5.75 4.67
CA LEU C 247 6.78 6.32 5.45
C LEU C 247 6.27 7.59 4.78
N ALA C 248 7.19 8.45 4.33
CA ALA C 248 6.79 9.69 3.69
C ALA C 248 6.02 9.39 2.40
N ASP C 249 6.46 8.37 1.65
CA ASP C 249 5.75 7.92 0.44
C ASP C 249 4.34 7.45 0.82
N GLU C 250 4.22 6.67 1.89
CA GLU C 250 2.90 6.18 2.35
C GLU C 250 2.00 7.37 2.68
N ALA C 251 2.52 8.39 3.34
CA ALA C 251 1.73 9.56 3.67
C ALA C 251 1.21 10.21 2.38
N ARG C 252 2.07 10.36 1.38
CA ARG C 252 1.62 11.00 0.16
C ARG C 252 0.57 10.16 -0.58
N GLU C 253 0.71 8.83 -0.57
CA GLU C 253 -0.27 8.00 -1.24
C GLU C 253 -1.62 8.13 -0.51
N LEU C 254 -1.59 8.37 0.80
CA LEU C 254 -2.87 8.56 1.53
C LEU C 254 -3.53 9.84 1.03
N GLU C 255 -2.75 10.92 0.87
CA GLU C 255 -3.32 12.16 0.33
C GLU C 255 -3.88 11.88 -1.08
N LYS C 256 -3.20 11.07 -1.89
CA LYS C 256 -3.71 10.74 -3.22
C LYS C 256 -5.06 10.02 -3.13
N SER C 257 -5.19 9.09 -2.17
CA SER C 257 -6.44 8.37 -2.04
C SER C 257 -7.59 9.30 -1.72
N ASN C 258 -7.29 10.43 -1.09
CA ASN C 258 -8.34 11.41 -0.76
C ASN C 258 -8.40 12.56 -1.80
N ASP C 259 -7.61 12.45 -2.88
CA ASP C 259 -7.52 13.47 -3.92
C ASP C 259 -7.35 14.81 -3.20
N ALA C 260 -6.37 14.85 -2.30
CA ALA C 260 -6.14 16.02 -1.49
C ALA C 260 -4.69 16.46 -1.43
N VAL C 261 -3.90 16.08 -2.45
CA VAL C 261 -2.49 16.45 -2.47
C VAL C 261 -2.29 17.96 -2.61
N LEU C 262 -1.77 18.60 -1.57
CA LEU C 262 -1.53 20.03 -1.66
C LEU C 262 -0.45 20.38 -2.71
N ARG C 263 -0.74 21.29 -3.63
CA ARG C 263 0.30 21.75 -4.58
C ARG C 263 0.30 23.27 -4.50
N THR C 264 1.48 23.87 -4.43
CA THR C 264 1.60 25.33 -4.32
C THR C 264 2.64 25.84 -5.31
N PRO C 265 2.29 25.85 -6.61
CA PRO C 265 3.22 26.30 -7.64
C PRO C 265 3.29 27.82 -7.70
N HIS C 266 4.39 28.31 -8.28
CA HIS C 266 4.55 29.74 -8.46
C HIS C 266 3.95 30.16 -9.81
N ALA C 267 3.39 31.36 -9.84
CA ALA C 267 2.87 31.95 -11.08
C ALA C 267 4.09 32.68 -11.68
N PRO C 268 4.00 33.08 -12.95
CA PRO C 268 5.12 33.78 -13.60
C PRO C 268 5.60 35.03 -12.86
N ASP C 269 4.69 35.72 -12.19
CA ASP C 269 5.05 36.92 -11.45
C ASP C 269 5.49 36.63 -10.01
N GLY C 270 5.65 35.34 -9.69
CA GLY C 270 6.10 34.99 -8.35
C GLY C 270 5.03 34.67 -7.32
N LYS C 271 3.78 34.97 -7.61
CA LYS C 271 2.70 34.69 -6.67
C LYS C 271 2.62 33.16 -6.47
N VAL C 272 2.38 32.75 -5.22
CA VAL C 272 2.26 31.34 -4.89
C VAL C 272 0.78 30.96 -4.94
N LEU C 273 0.45 30.03 -5.85
CA LEU C 273 -0.91 29.58 -6.04
C LEU C 273 -1.10 28.34 -5.19
N SER C 274 -2.34 27.85 -5.14
CA SER C 274 -2.63 26.66 -4.35
C SER C 274 -3.76 25.84 -4.94
N LYS C 275 -3.68 24.53 -4.74
CA LYS C 275 -4.75 23.63 -5.18
C LYS C 275 -4.63 22.36 -4.35
N ARG C 276 -5.74 21.64 -4.26
CA ARG C 276 -5.80 20.35 -3.55
C ARG C 276 -6.27 19.24 -4.52
N LYS C 277 -7.38 19.47 -5.21
CA LYS C 277 -7.90 18.45 -6.11
C LYS C 277 -7.09 18.39 -7.39
N PHE C 278 -6.76 17.18 -7.81
CA PHE C 278 -5.95 16.97 -8.99
C PHE C 278 -6.37 17.72 -10.24
N GLU C 280 -8.23 20.38 -10.43
CA GLU C 280 -8.52 21.80 -10.19
C GLU C 280 -7.35 22.70 -10.53
N ASP C 281 -7.63 23.87 -11.09
CA ASP C 281 -6.53 24.76 -11.42
C ASP C 281 -5.99 25.43 -10.17
N PRO C 282 -4.68 25.69 -10.14
CA PRO C 282 -4.09 26.35 -8.96
C PRO C 282 -4.50 27.83 -8.99
N GLU C 283 -4.96 28.34 -7.85
CA GLU C 283 -5.42 29.72 -7.74
C GLU C 283 -4.82 30.46 -6.54
#